data_2QMC
#
_entry.id   2QMC
#
_cell.length_a   57.140
_cell.length_b   106.674
_cell.length_c   87.194
_cell.angle_alpha   90.000
_cell.angle_beta   104.960
_cell.angle_gamma   90.000
#
_symmetry.space_group_name_H-M   'P 1 21 1'
#
loop_
_entity.id
_entity.type
_entity.pdbx_description
1 polymer Gamma-glutamyltranspeptidase
2 polymer Gamma-glutamyltranspeptidase
3 non-polymer S-(P-NITROBENZYL)GLUTATHIONE
4 water water
#
loop_
_entity_poly.entity_id
_entity_poly.type
_entity_poly.pdbx_seq_one_letter_code
_entity_poly.pdbx_strand_id
1 'polypeptide(L)'
;MGSSHHHHHHSSGLVPRGSHMASAASYPPIKNTKVGLALSSHPLASEIGQKVLEEGGNAIDAAVAIGFALAVVHPAAGNI
GGGGFAVIHLANGENVALDFREKAPLKATKNMFLDKQGNVVPKLSEDGYLAAGVPGTVAGMEAMLKKYGTKKLSQLIDPA
IKLAENGYAISQRQAETLKEARERFLKYSSSKKYFFKKGHLDYQEGDLFVQKDLAKTLNQIKTLGAKGFYQGQVAELIEK
DMKKNGGIITKEDLASYNVKWRKPVVGSYRGYKIISMSPPSSGGTHLIQILNVMENADLSALGYGASKNIHIAAEAMRQA
YADRSVYMGDADFVSVPVDKLINKAYAKKIFDTIQPDTVTPSSQIKPGMGQLHEGSN
;
A,C
2 'polypeptide(L)'
;ATHYSVADRWGNAVSVTYTINASYGSAASIDGAGFLLNNEMDDFSIKPGNPNLYGLVGGDANAIEANKRPLSSMSPTIVL
KNNKVFLVVGSPGGSRIITTVLQVISNVIDYNMNISEAVSAPRFHMQWLPDELRIEKFGMPADVKDNLTKMGYQIVTKPV
MGDVNAIQVLPKTKGSVFYGSTDPRKEF
;
B,D
#
# COMPACT_ATOMS: atom_id res chain seq x y z
N ILE A 30 -10.20 -1.63 1.64
CA ILE A 30 -11.48 -2.17 1.08
C ILE A 30 -12.21 -2.96 2.17
N LYS A 31 -13.43 -2.54 2.49
CA LYS A 31 -14.17 -3.14 3.59
C LYS A 31 -15.66 -3.09 3.30
N ASN A 32 -16.40 -4.13 3.69
CA ASN A 32 -17.85 -4.19 3.53
C ASN A 32 -18.43 -5.00 4.67
N THR A 33 -19.55 -4.55 5.24
CA THR A 33 -20.16 -5.26 6.38
C THR A 33 -21.59 -5.74 6.13
N LYS A 34 -22.06 -5.67 4.88
CA LYS A 34 -23.48 -5.95 4.60
C LYS A 34 -23.72 -6.98 3.48
N VAL A 35 -23.07 -6.81 2.34
CA VAL A 35 -23.37 -7.69 1.19
C VAL A 35 -22.16 -8.50 0.70
N GLY A 36 -20.98 -8.18 1.23
CA GLY A 36 -19.75 -8.83 0.81
C GLY A 36 -18.92 -8.01 -0.16
N LEU A 37 -18.02 -8.71 -0.84
CA LEU A 37 -17.04 -8.08 -1.72
C LEU A 37 -16.84 -8.85 -3.01
N ALA A 38 -16.68 -8.10 -4.09
CA ALA A 38 -16.34 -8.66 -5.40
C ALA A 38 -15.13 -7.92 -5.89
N LEU A 39 -13.99 -8.61 -6.02
CA LEU A 39 -12.72 -7.95 -6.24
C LEU A 39 -11.98 -8.49 -7.46
N SER A 40 -11.56 -7.58 -8.34
CA SER A 40 -10.85 -7.97 -9.55
C SER A 40 -9.74 -6.96 -9.81
N SER A 41 -8.96 -7.21 -10.87
CA SER A 41 -7.85 -6.33 -11.27
C SER A 41 -8.25 -5.13 -12.11
N HIS A 42 -9.55 -4.95 -12.34
CA HIS A 42 -10.03 -3.74 -13.01
C HIS A 42 -11.20 -3.12 -12.25
N PRO A 43 -11.06 -1.85 -11.83
CA PRO A 43 -12.12 -1.23 -11.03
C PRO A 43 -13.51 -1.25 -11.68
N LEU A 44 -13.59 -1.15 -13.01
CA LEU A 44 -14.89 -1.20 -13.67
C LEU A 44 -15.55 -2.57 -13.53
N ALA A 45 -14.75 -3.63 -13.61
CA ALA A 45 -15.29 -4.96 -13.42
C ALA A 45 -15.65 -5.17 -11.95
N SER A 46 -14.81 -4.69 -11.03
CA SER A 46 -15.11 -4.86 -9.60
C SER A 46 -16.43 -4.19 -9.25
N GLU A 47 -16.61 -2.98 -9.77
CA GLU A 47 -17.83 -2.20 -9.55
C GLU A 47 -19.05 -2.96 -10.06
N ILE A 48 -18.92 -3.58 -11.24
CA ILE A 48 -20.00 -4.39 -11.80
C ILE A 48 -20.39 -5.53 -10.87
N GLY A 49 -19.38 -6.27 -10.38
CA GLY A 49 -19.62 -7.35 -9.43
C GLY A 49 -20.21 -6.86 -8.13
N GLN A 50 -19.67 -5.76 -7.60
CA GLN A 50 -20.15 -5.21 -6.33
C GLN A 50 -21.61 -4.79 -6.42
N LYS A 51 -22.00 -4.20 -7.54
CA LYS A 51 -23.40 -3.81 -7.75
C LYS A 51 -24.35 -5.00 -7.79
N VAL A 52 -23.89 -6.10 -8.39
CA VAL A 52 -24.68 -7.35 -8.37
C VAL A 52 -24.93 -7.79 -6.93
N LEU A 53 -23.89 -7.73 -6.10
CA LEU A 53 -24.06 -8.04 -4.69
C LEU A 53 -25.03 -7.08 -4.00
N GLU A 54 -24.91 -5.77 -4.29
CA GLU A 54 -25.78 -4.78 -3.67
C GLU A 54 -27.24 -5.02 -4.05
N GLU A 55 -27.45 -5.53 -5.25
CA GLU A 55 -28.79 -5.80 -5.75
C GLU A 55 -29.33 -7.17 -5.31
N GLY A 56 -28.58 -7.89 -4.49
CA GLY A 56 -29.10 -9.11 -3.87
C GLY A 56 -28.65 -10.36 -4.59
N GLY A 57 -27.84 -10.21 -5.62
CA GLY A 57 -27.29 -11.39 -6.29
C GLY A 57 -26.30 -12.13 -5.41
N ASN A 58 -26.07 -13.42 -5.66
CA ASN A 58 -25.10 -14.14 -4.82
C ASN A 58 -23.70 -14.09 -5.41
N ALA A 59 -22.75 -14.77 -4.78
CA ALA A 59 -21.36 -14.69 -5.22
C ALA A 59 -21.14 -15.22 -6.63
N ILE A 60 -21.96 -16.20 -7.02
CA ILE A 60 -21.88 -16.78 -8.37
C ILE A 60 -22.38 -15.73 -9.38
N ASP A 61 -23.53 -15.12 -9.12
CA ASP A 61 -24.07 -14.07 -9.97
C ASP A 61 -23.01 -13.00 -10.22
N ALA A 62 -22.37 -12.52 -9.15
CA ALA A 62 -21.36 -11.47 -9.26
C ALA A 62 -20.15 -11.98 -10.03
N ALA A 63 -19.76 -13.23 -9.76
CA ALA A 63 -18.61 -13.83 -10.49
C ALA A 63 -18.82 -13.90 -12.01
N VAL A 64 -20.04 -14.18 -12.42
CA VAL A 64 -20.36 -14.30 -13.85
C VAL A 64 -20.35 -12.90 -14.50
N ALA A 65 -20.92 -11.90 -13.81
CA ALA A 65 -20.87 -10.53 -14.32
C ALA A 65 -19.44 -10.06 -14.50
N ILE A 66 -18.59 -10.41 -13.53
CA ILE A 66 -17.16 -10.01 -13.59
C ILE A 66 -16.44 -10.70 -14.75
N GLY A 67 -16.71 -11.99 -14.93
CA GLY A 67 -16.08 -12.77 -16.00
C GLY A 67 -16.32 -12.12 -17.35
N PHE A 68 -17.56 -11.70 -17.62
CA PHE A 68 -17.82 -11.03 -18.90
C PHE A 68 -17.27 -9.60 -18.95
N ALA A 69 -17.37 -8.86 -17.85
CA ALA A 69 -16.82 -7.51 -17.83
C ALA A 69 -15.32 -7.48 -18.12
N LEU A 70 -14.56 -8.39 -17.50
CA LEU A 70 -13.10 -8.39 -17.71
C LEU A 70 -12.74 -8.76 -19.14
N ALA A 71 -13.61 -9.55 -19.78
CA ALA A 71 -13.42 -9.90 -21.20
C ALA A 71 -13.39 -8.64 -22.08
N VAL A 72 -14.00 -7.56 -21.60
CA VAL A 72 -14.04 -6.29 -22.32
C VAL A 72 -12.95 -5.35 -21.85
N VAL A 73 -12.85 -5.17 -20.53
CA VAL A 73 -11.97 -4.10 -19.98
C VAL A 73 -10.52 -4.53 -19.67
N HIS A 74 -10.23 -5.82 -19.75
CA HIS A 74 -8.91 -6.33 -19.42
C HIS A 74 -8.48 -7.36 -20.48
N PRO A 75 -8.42 -6.94 -21.76
CA PRO A 75 -8.20 -7.95 -22.81
C PRO A 75 -6.88 -8.68 -22.82
N ALA A 76 -5.88 -8.21 -22.05
CA ALA A 76 -4.63 -8.97 -21.91
C ALA A 76 -4.87 -10.32 -21.27
N ALA A 77 -5.90 -10.40 -20.43
CA ALA A 77 -6.13 -11.62 -19.63
C ALA A 77 -7.61 -11.98 -19.46
N GLY A 78 -8.45 -11.02 -19.09
CA GLY A 78 -9.90 -11.26 -19.13
C GLY A 78 -10.27 -11.62 -20.55
N ASN A 79 -11.28 -12.47 -20.73
CA ASN A 79 -11.45 -13.08 -22.04
C ASN A 79 -12.75 -13.78 -22.22
N ILE A 80 -13.14 -13.94 -23.48
CA ILE A 80 -14.02 -15.04 -23.90
C ILE A 80 -13.32 -16.08 -24.78
N GLY A 81 -12.09 -15.80 -25.19
CA GLY A 81 -11.35 -16.73 -26.04
C GLY A 81 -10.40 -17.65 -25.31
N GLY A 82 -10.50 -17.74 -23.98
CA GLY A 82 -9.65 -18.61 -23.18
C GLY A 82 -10.41 -19.57 -22.31
N GLY A 83 -9.92 -19.74 -21.09
CA GLY A 83 -10.59 -20.62 -20.14
C GLY A 83 -10.03 -20.45 -18.73
N GLY A 84 -10.48 -21.31 -17.84
CA GLY A 84 -9.96 -21.25 -16.48
C GLY A 84 -10.74 -22.10 -15.52
N PHE A 85 -10.72 -21.70 -14.25
CA PHE A 85 -11.29 -22.52 -13.19
C PHE A 85 -12.01 -21.65 -12.19
N ALA A 86 -13.04 -22.23 -11.57
CA ALA A 86 -13.73 -21.59 -10.46
C ALA A 86 -13.77 -22.57 -9.31
N VAL A 87 -13.24 -22.15 -8.18
CA VAL A 87 -13.37 -22.93 -6.94
C VAL A 87 -14.48 -22.26 -6.14
N ILE A 88 -15.43 -23.07 -5.71
CA ILE A 88 -16.65 -22.57 -5.08
C ILE A 88 -16.94 -23.25 -3.77
N HIS A 89 -17.18 -22.43 -2.75
CA HIS A 89 -17.70 -22.92 -1.49
C HIS A 89 -19.09 -22.38 -1.31
N LEU A 90 -20.02 -23.29 -1.00
CA LEU A 90 -21.42 -22.92 -0.96
C LEU A 90 -21.88 -22.71 0.47
N ALA A 91 -22.92 -21.90 0.61
CA ALA A 91 -23.53 -21.65 1.89
C ALA A 91 -23.87 -22.92 2.70
N ASN A 92 -24.24 -23.99 2.00
CA ASN A 92 -24.59 -25.25 2.65
C ASN A 92 -23.36 -26.05 3.13
N GLY A 93 -22.17 -25.55 2.86
CA GLY A 93 -20.94 -26.20 3.32
C GLY A 93 -20.21 -27.01 2.26
N GLU A 94 -20.86 -27.23 1.12
CA GLU A 94 -20.25 -28.06 0.09
C GLU A 94 -19.28 -27.23 -0.72
N ASN A 95 -18.25 -27.92 -1.22
N ASN A 95 -18.26 -27.89 -1.25
CA ASN A 95 -17.24 -27.32 -2.08
CA ASN A 95 -17.32 -27.21 -2.13
C ASN A 95 -17.32 -27.98 -3.45
C ASN A 95 -17.10 -27.98 -3.42
N VAL A 96 -17.04 -27.21 -4.50
CA VAL A 96 -16.96 -27.75 -5.86
C VAL A 96 -15.94 -26.98 -6.66
N ALA A 97 -15.48 -27.61 -7.72
CA ALA A 97 -14.57 -26.97 -8.63
C ALA A 97 -15.16 -27.07 -10.03
N LEU A 98 -15.03 -26.01 -10.78
CA LEU A 98 -15.49 -26.02 -12.15
C LEU A 98 -14.30 -25.87 -13.06
N ASP A 99 -14.07 -26.89 -13.88
CA ASP A 99 -13.04 -26.89 -14.93
C ASP A 99 -13.66 -26.39 -16.24
N PHE A 100 -13.32 -25.15 -16.60
CA PHE A 100 -13.63 -24.63 -17.94
C PHE A 100 -12.32 -24.33 -18.66
N ARG A 101 -11.38 -25.25 -18.49
CA ARG A 101 -10.09 -25.19 -19.18
C ARG A 101 -10.27 -25.53 -20.66
N GLU A 102 -9.46 -24.89 -21.51
CA GLU A 102 -9.51 -25.19 -22.95
C GLU A 102 -9.12 -26.63 -23.19
N LYS A 103 -9.65 -27.17 -24.29
CA LYS A 103 -9.30 -28.54 -24.73
C LYS A 103 -8.44 -28.46 -25.97
N ALA A 104 -7.47 -29.36 -26.09
CA ALA A 104 -6.75 -29.49 -27.36
C ALA A 104 -7.80 -29.85 -28.43
N PRO A 105 -7.72 -29.22 -29.62
CA PRO A 105 -8.67 -29.59 -30.69
C PRO A 105 -8.63 -31.06 -31.09
N LEU A 106 -9.71 -31.48 -31.75
CA LEU A 106 -9.85 -32.85 -32.23
C LEU A 106 -8.69 -33.26 -33.12
N LYS A 107 -8.15 -32.32 -33.89
CA LYS A 107 -7.05 -32.59 -34.82
C LYS A 107 -5.65 -32.43 -34.21
N ALA A 108 -5.59 -32.12 -32.92
CA ALA A 108 -4.30 -31.96 -32.24
C ALA A 108 -3.60 -33.32 -32.16
N THR A 109 -2.29 -33.29 -32.23
CA THR A 109 -1.49 -34.50 -32.07
C THR A 109 -0.28 -34.20 -31.20
N LYS A 110 0.25 -35.25 -30.59
CA LYS A 110 1.39 -35.15 -29.69
C LYS A 110 2.52 -34.28 -30.23
N ASN A 111 2.89 -34.51 -31.49
CA ASN A 111 4.04 -33.83 -32.08
C ASN A 111 3.71 -32.65 -33.00
N MET A 112 2.50 -32.10 -32.85
CA MET A 112 2.00 -31.07 -33.77
C MET A 112 2.84 -29.80 -33.83
N PHE A 113 3.63 -29.52 -32.81
CA PHE A 113 4.44 -28.30 -32.82
C PHE A 113 5.88 -28.61 -33.22
N LEU A 114 6.10 -29.84 -33.67
CA LEU A 114 7.44 -30.31 -34.09
C LEU A 114 7.51 -30.66 -35.57
N ASP A 115 8.71 -30.63 -36.12
CA ASP A 115 8.86 -31.10 -37.49
C ASP A 115 9.05 -32.61 -37.50
N LYS A 116 9.28 -33.15 -38.70
CA LYS A 116 9.49 -34.58 -38.91
C LYS A 116 10.58 -35.16 -38.02
N GLN A 117 11.59 -34.32 -37.74
CA GLN A 117 12.77 -34.76 -37.00
C GLN A 117 12.65 -34.50 -35.50
N GLY A 118 11.53 -33.94 -35.05
CA GLY A 118 11.32 -33.63 -33.64
C GLY A 118 11.78 -32.26 -33.18
N ASN A 119 12.15 -31.39 -34.13
CA ASN A 119 12.56 -30.02 -33.81
C ASN A 119 11.36 -29.12 -33.55
N VAL A 120 11.46 -28.30 -32.50
CA VAL A 120 10.43 -27.30 -32.23
C VAL A 120 10.33 -26.35 -33.41
N VAL A 121 9.12 -26.11 -33.89
CA VAL A 121 8.86 -25.05 -34.86
C VAL A 121 8.69 -23.75 -34.06
N PRO A 122 9.65 -22.80 -34.19
CA PRO A 122 9.64 -21.64 -33.27
C PRO A 122 8.34 -20.83 -33.28
N LYS A 123 7.83 -20.53 -32.08
CA LYS A 123 6.62 -19.73 -31.86
C LYS A 123 5.30 -20.34 -32.32
N LEU A 124 5.34 -21.56 -32.82
CA LEU A 124 4.10 -22.17 -33.30
C LEU A 124 3.11 -22.45 -32.16
N SER A 125 3.62 -22.77 -30.98
CA SER A 125 2.76 -22.94 -29.80
C SER A 125 2.44 -21.62 -29.10
N GLU A 126 2.97 -20.50 -29.58
CA GLU A 126 2.92 -19.23 -28.85
C GLU A 126 2.15 -18.12 -29.58
N ASP A 127 2.45 -17.96 -30.87
CA ASP A 127 1.88 -16.88 -31.67
C ASP A 127 0.95 -17.48 -32.72
N GLY A 128 -0.29 -16.99 -32.78
CA GLY A 128 -1.19 -17.31 -33.88
C GLY A 128 -2.19 -18.41 -33.63
N TYR A 129 -2.83 -18.86 -34.71
CA TYR A 129 -4.06 -19.66 -34.60
C TYR A 129 -3.90 -21.11 -34.15
N LEU A 130 -2.76 -21.73 -34.45
CA LEU A 130 -2.51 -23.11 -34.02
C LEU A 130 -2.20 -23.21 -32.51
N ALA A 131 -1.86 -22.08 -31.91
CA ALA A 131 -1.52 -22.04 -30.47
C ALA A 131 -2.74 -22.14 -29.56
N ALA A 132 -3.94 -22.09 -30.17
CA ALA A 132 -5.20 -21.98 -29.38
C ALA A 132 -5.83 -23.33 -29.06
N GLY A 133 -6.24 -23.48 -27.80
CA GLY A 133 -7.12 -24.58 -27.41
C GLY A 133 -8.57 -24.11 -27.57
N VAL A 134 -9.51 -25.07 -27.55
CA VAL A 134 -10.94 -24.73 -27.66
C VAL A 134 -11.39 -23.92 -26.44
N PRO A 135 -11.88 -22.67 -26.67
CA PRO A 135 -12.21 -21.81 -25.51
C PRO A 135 -13.29 -22.36 -24.60
N GLY A 136 -13.06 -22.27 -23.29
CA GLY A 136 -14.04 -22.74 -22.29
C GLY A 136 -14.77 -21.67 -21.49
N THR A 137 -14.32 -20.41 -21.56
CA THR A 137 -14.83 -19.38 -20.66
C THR A 137 -16.36 -19.23 -20.72
N VAL A 138 -16.91 -19.08 -21.92
CA VAL A 138 -18.36 -18.87 -22.06
C VAL A 138 -19.14 -20.03 -21.49
N ALA A 139 -18.71 -21.24 -21.82
CA ALA A 139 -19.34 -22.44 -21.27
C ALA A 139 -19.26 -22.44 -19.74
N GLY A 140 -18.11 -22.03 -19.19
CA GLY A 140 -17.91 -22.03 -17.73
C GLY A 140 -18.79 -21.01 -17.03
N MET A 141 -18.86 -19.80 -17.59
CA MET A 141 -19.78 -18.77 -17.05
C MET A 141 -21.23 -19.27 -17.01
N GLU A 142 -21.73 -19.80 -18.12
CA GLU A 142 -23.10 -20.30 -18.14
C GLU A 142 -23.32 -21.46 -17.17
N ALA A 143 -22.34 -22.35 -17.10
CA ALA A 143 -22.51 -23.53 -16.27
C ALA A 143 -22.63 -23.16 -14.80
N MET A 144 -21.75 -22.26 -14.33
CA MET A 144 -21.86 -21.97 -12.89
C MET A 144 -23.12 -21.18 -12.59
N LEU A 145 -23.52 -20.34 -13.54
CA LEU A 145 -24.75 -19.54 -13.34
C LEU A 145 -25.97 -20.44 -13.28
N LYS A 146 -26.06 -21.39 -14.19
CA LYS A 146 -27.22 -22.27 -14.22
C LYS A 146 -27.32 -23.15 -12.98
N LYS A 147 -26.17 -23.61 -12.48
CA LYS A 147 -26.18 -24.52 -11.32
C LYS A 147 -26.37 -23.81 -10.00
N TYR A 148 -25.72 -22.65 -9.83
CA TYR A 148 -25.64 -22.04 -8.49
C TYR A 148 -26.06 -20.58 -8.42
N GLY A 149 -26.36 -19.98 -9.57
CA GLY A 149 -26.73 -18.57 -9.65
C GLY A 149 -28.20 -18.33 -9.35
N THR A 150 -28.59 -17.06 -9.26
CA THR A 150 -29.99 -16.68 -9.07
C THR A 150 -30.52 -15.75 -10.16
N LYS A 151 -29.62 -15.14 -10.92
CA LYS A 151 -30.00 -14.16 -11.94
C LYS A 151 -29.79 -14.71 -13.36
N LYS A 152 -30.36 -14.03 -14.35
CA LYS A 152 -30.28 -14.43 -15.76
C LYS A 152 -28.98 -13.94 -16.38
N LEU A 153 -28.40 -14.77 -17.24
CA LEU A 153 -27.22 -14.39 -18.00
C LEU A 153 -27.43 -13.11 -18.79
N SER A 154 -28.58 -13.03 -19.45
CA SER A 154 -28.97 -11.88 -20.24
C SER A 154 -28.86 -10.56 -19.47
N GLN A 155 -29.17 -10.57 -18.19
CA GLN A 155 -28.99 -9.39 -17.34
C GLN A 155 -27.56 -9.16 -16.88
N LEU A 156 -26.90 -10.23 -16.44
CA LEU A 156 -25.53 -10.13 -15.90
C LEU A 156 -24.49 -9.73 -16.94
N ILE A 157 -24.80 -9.98 -18.21
CA ILE A 157 -23.89 -9.65 -19.30
C ILE A 157 -24.08 -8.22 -19.82
N ASP A 158 -25.19 -7.59 -19.47
CA ASP A 158 -25.50 -6.25 -19.97
C ASP A 158 -24.38 -5.22 -19.68
N PRO A 159 -23.86 -5.18 -18.43
CA PRO A 159 -22.78 -4.22 -18.19
C PRO A 159 -21.55 -4.39 -19.06
N ALA A 160 -21.17 -5.64 -19.35
CA ALA A 160 -20.07 -5.93 -20.29
C ALA A 160 -20.37 -5.43 -21.72
N ILE A 161 -21.58 -5.71 -22.21
CA ILE A 161 -22.01 -5.26 -23.52
C ILE A 161 -21.93 -3.73 -23.60
N LYS A 162 -22.41 -3.04 -22.57
CA LYS A 162 -22.37 -1.58 -22.54
C LYS A 162 -20.94 -1.05 -22.65
N LEU A 163 -20.01 -1.67 -21.93
CA LEU A 163 -18.59 -1.29 -22.05
C LEU A 163 -18.00 -1.58 -23.44
N ALA A 164 -18.42 -2.68 -24.05
CA ALA A 164 -17.95 -3.01 -25.40
C ALA A 164 -18.49 -2.03 -26.44
N GLU A 165 -19.79 -1.79 -26.37
CA GLU A 165 -20.50 -0.92 -27.33
C GLU A 165 -20.12 0.57 -27.21
N ASN A 166 -20.04 1.04 -25.98
CA ASN A 166 -19.83 2.46 -25.70
C ASN A 166 -18.40 2.85 -25.35
N GLY A 167 -17.58 1.86 -25.03
CA GLY A 167 -16.16 2.07 -24.77
C GLY A 167 -15.76 2.39 -23.34
N TYR A 168 -14.46 2.28 -23.07
CA TYR A 168 -13.90 2.73 -21.79
C TYR A 168 -12.51 3.30 -22.04
N ALA A 169 -11.95 4.00 -21.06
CA ALA A 169 -10.65 4.64 -21.26
C ALA A 169 -9.50 3.68 -21.02
N ILE A 170 -8.56 3.70 -21.94
CA ILE A 170 -7.32 2.94 -21.82
C ILE A 170 -6.53 3.44 -20.62
N SER A 171 -6.12 2.55 -19.73
CA SER A 171 -5.30 2.97 -18.57
C SER A 171 -3.84 3.16 -18.96
N GLN A 172 -3.04 3.70 -18.04
CA GLN A 172 -1.61 3.89 -18.32
C GLN A 172 -0.94 2.53 -18.52
N ARG A 173 -1.25 1.59 -17.64
CA ARG A 173 -0.67 0.26 -17.73
C ARG A 173 -1.09 -0.43 -19.00
N GLN A 174 -2.36 -0.28 -19.36
CA GLN A 174 -2.87 -0.88 -20.60
C GLN A 174 -2.18 -0.31 -21.83
N ALA A 175 -1.90 1.00 -21.82
CA ALA A 175 -1.18 1.59 -22.95
C ALA A 175 0.18 0.89 -23.07
N GLU A 176 0.81 0.61 -21.93
CA GLU A 176 2.12 -0.04 -21.90
C GLU A 176 2.05 -1.48 -22.42
N THR A 177 1.11 -2.26 -21.94
CA THR A 177 1.04 -3.65 -22.36
C THR A 177 0.62 -3.77 -23.83
N LEU A 178 -0.22 -2.83 -24.31
CA LEU A 178 -0.59 -2.85 -25.73
C LEU A 178 0.63 -2.51 -26.58
N LYS A 179 1.41 -1.53 -26.16
CA LYS A 179 2.63 -1.18 -26.88
C LYS A 179 3.57 -2.39 -26.95
N GLU A 180 3.69 -3.12 -25.85
CA GLU A 180 4.60 -4.26 -25.78
C GLU A 180 4.15 -5.40 -26.67
N ALA A 181 2.84 -5.47 -26.93
CA ALA A 181 2.26 -6.50 -27.80
C ALA A 181 2.24 -6.13 -29.28
N ARG A 182 2.60 -4.89 -29.61
CA ARG A 182 2.48 -4.38 -30.98
C ARG A 182 3.01 -5.33 -32.08
N GLU A 183 4.22 -5.82 -31.91
CA GLU A 183 4.83 -6.64 -32.96
C GLU A 183 4.10 -7.97 -33.11
N ARG A 184 3.47 -8.43 -32.06
CA ARG A 184 2.68 -9.64 -32.16
C ARG A 184 1.33 -9.37 -32.87
N PHE A 185 0.63 -8.31 -32.48
CA PHE A 185 -0.64 -7.94 -33.12
C PHE A 185 -0.44 -7.72 -34.61
N LEU A 186 0.69 -7.13 -34.97
CA LEU A 186 0.94 -6.79 -36.39
C LEU A 186 0.96 -8.02 -37.30
N LYS A 187 1.18 -9.19 -36.72
CA LYS A 187 1.19 -10.44 -37.48
C LYS A 187 -0.20 -10.86 -37.98
N TYR A 188 -1.28 -10.36 -37.37
CA TYR A 188 -2.63 -10.84 -37.69
C TYR A 188 -3.58 -9.73 -38.08
N SER A 189 -4.15 -9.81 -39.28
CA SER A 189 -5.06 -8.75 -39.74
C SER A 189 -6.24 -8.50 -38.77
N SER A 190 -6.78 -9.56 -38.18
CA SER A 190 -7.87 -9.43 -37.24
C SER A 190 -7.50 -8.54 -36.05
N SER A 191 -6.33 -8.80 -35.46
CA SER A 191 -5.87 -8.02 -34.31
C SER A 191 -5.47 -6.61 -34.68
N LYS A 192 -5.00 -6.43 -35.91
CA LYS A 192 -4.69 -5.08 -36.37
C LYS A 192 -5.96 -4.25 -36.42
N LYS A 193 -7.05 -4.86 -36.85
CA LYS A 193 -8.37 -4.21 -36.85
C LYS A 193 -8.87 -3.86 -35.44
N TYR A 194 -8.70 -4.77 -34.49
CA TYR A 194 -9.30 -4.61 -33.17
C TYR A 194 -8.47 -3.86 -32.16
N PHE A 195 -7.15 -4.01 -32.22
CA PHE A 195 -6.28 -3.48 -31.15
C PHE A 195 -5.43 -2.28 -31.50
N PHE A 196 -5.61 -1.75 -32.72
CA PHE A 196 -5.01 -0.46 -33.13
C PHE A 196 -6.05 0.56 -33.56
N LYS A 197 -5.68 1.84 -33.51
CA LYS A 197 -6.48 2.92 -34.08
C LYS A 197 -6.18 3.02 -35.58
N LYS A 198 -7.04 3.71 -36.33
CA LYS A 198 -6.84 3.85 -37.77
C LYS A 198 -5.39 4.24 -38.11
N GLY A 199 -4.81 3.52 -39.08
CA GLY A 199 -3.39 3.70 -39.43
C GLY A 199 -2.46 2.74 -38.70
N HIS A 200 -3.06 1.75 -38.04
CA HIS A 200 -2.34 0.79 -37.17
C HIS A 200 -1.52 1.47 -36.07
N LEU A 201 -2.15 2.44 -35.42
CA LEU A 201 -1.54 3.23 -34.35
C LEU A 201 -1.87 2.63 -32.98
N ASP A 202 -0.90 2.64 -32.08
CA ASP A 202 -1.12 2.19 -30.71
C ASP A 202 -2.18 3.04 -30.02
N TYR A 203 -3.05 2.40 -29.25
CA TYR A 203 -3.89 3.15 -28.30
C TYR A 203 -3.02 3.83 -27.25
N GLN A 204 -3.41 5.04 -26.84
CA GLN A 204 -2.67 5.79 -25.83
C GLN A 204 -3.53 5.91 -24.58
N GLU A 205 -2.90 6.19 -23.45
CA GLU A 205 -3.64 6.37 -22.19
C GLU A 205 -4.74 7.40 -22.37
N GLY A 206 -5.95 7.07 -21.91
CA GLY A 206 -7.08 7.98 -21.97
C GLY A 206 -7.94 7.86 -23.21
N ASP A 207 -7.44 7.14 -24.23
CA ASP A 207 -8.19 6.97 -25.47
C ASP A 207 -9.43 6.15 -25.17
N LEU A 208 -10.50 6.39 -25.91
CA LEU A 208 -11.70 5.58 -25.71
C LEU A 208 -11.61 4.36 -26.59
N PHE A 209 -11.65 3.20 -25.94
CA PHE A 209 -11.52 1.93 -26.66
C PHE A 209 -12.89 1.27 -26.83
N VAL A 210 -13.31 1.16 -28.09
CA VAL A 210 -14.64 0.67 -28.46
C VAL A 210 -14.51 -0.64 -29.20
N GLN A 211 -15.34 -1.60 -28.82
CA GLN A 211 -15.26 -2.95 -29.36
C GLN A 211 -16.59 -3.47 -29.91
N LYS A 212 -16.99 -2.98 -31.08
CA LYS A 212 -18.31 -3.30 -31.65
C LYS A 212 -18.51 -4.76 -32.01
N ASP A 213 -17.51 -5.38 -32.65
CA ASP A 213 -17.63 -6.80 -32.95
C ASP A 213 -17.69 -7.65 -31.69
N LEU A 214 -16.96 -7.25 -30.65
CA LEU A 214 -17.08 -7.97 -29.38
C LEU A 214 -18.47 -7.84 -28.81
N ALA A 215 -19.05 -6.64 -28.89
CA ALA A 215 -20.42 -6.43 -28.42
C ALA A 215 -21.37 -7.31 -29.23
N LYS A 216 -21.11 -7.47 -30.54
CA LYS A 216 -21.91 -8.40 -31.37
C LYS A 216 -21.88 -9.81 -30.80
N THR A 217 -20.67 -10.26 -30.47
CA THR A 217 -20.47 -11.61 -29.92
C THR A 217 -21.16 -11.75 -28.55
N LEU A 218 -21.00 -10.74 -27.70
CA LEU A 218 -21.62 -10.77 -26.38
C LEU A 218 -23.15 -10.75 -26.49
N ASN A 219 -23.66 -10.03 -27.50
CA ASN A 219 -25.12 -9.99 -27.72
C ASN A 219 -25.68 -11.36 -28.16
N GLN A 220 -24.92 -12.12 -28.95
CA GLN A 220 -25.31 -13.48 -29.30
C GLN A 220 -25.40 -14.33 -28.03
N ILE A 221 -24.46 -14.14 -27.09
CA ILE A 221 -24.45 -14.87 -25.83
C ILE A 221 -25.62 -14.43 -24.94
N LYS A 222 -25.91 -13.13 -24.93
CA LYS A 222 -27.08 -12.62 -24.18
C LYS A 222 -28.40 -13.28 -24.63
N THR A 223 -28.56 -13.34 -25.95
CA THR A 223 -29.79 -13.75 -26.65
C THR A 223 -29.93 -15.28 -26.67
N LEU A 224 -28.81 -16.00 -26.82
CA LEU A 224 -28.87 -17.44 -27.06
C LEU A 224 -28.17 -18.28 -26.01
N GLY A 225 -27.51 -17.64 -25.04
CA GLY A 225 -26.74 -18.38 -24.07
C GLY A 225 -25.43 -18.82 -24.70
N ALA A 226 -24.82 -19.84 -24.11
CA ALA A 226 -23.51 -20.35 -24.57
C ALA A 226 -23.55 -20.78 -26.03
N LYS A 227 -24.69 -21.27 -26.51
CA LYS A 227 -24.81 -21.65 -27.91
C LYS A 227 -24.63 -20.47 -28.87
N GLY A 228 -24.75 -19.24 -28.36
CA GLY A 228 -24.41 -18.03 -29.11
C GLY A 228 -22.93 -17.86 -29.39
N PHE A 229 -22.09 -18.60 -28.67
CA PHE A 229 -20.65 -18.65 -28.93
C PHE A 229 -20.22 -19.93 -29.64
N TYR A 230 -20.76 -21.06 -29.20
CA TYR A 230 -20.27 -22.38 -29.64
C TYR A 230 -20.96 -22.93 -30.89
N GLN A 231 -22.01 -22.25 -31.32
CA GLN A 231 -22.78 -22.61 -32.51
C GLN A 231 -23.13 -21.36 -33.31
N GLY A 232 -23.86 -21.53 -34.41
CA GLY A 232 -24.38 -20.40 -35.19
C GLY A 232 -23.31 -19.50 -35.81
N GLN A 233 -23.62 -18.20 -35.90
CA GLN A 233 -22.73 -17.30 -36.63
C GLN A 233 -21.34 -17.16 -36.00
N VAL A 234 -21.25 -17.17 -34.67
CA VAL A 234 -19.94 -16.99 -34.06
C VAL A 234 -19.07 -18.21 -34.32
N ALA A 235 -19.67 -19.40 -34.19
CA ALA A 235 -18.98 -20.64 -34.51
C ALA A 235 -18.52 -20.65 -35.95
N GLU A 236 -19.37 -20.18 -36.87
CA GLU A 236 -18.98 -19.98 -38.27
C GLU A 236 -17.75 -19.07 -38.42
N LEU A 237 -17.76 -17.91 -37.78
CA LEU A 237 -16.61 -17.00 -37.85
C LEU A 237 -15.33 -17.65 -37.28
N ILE A 238 -15.47 -18.35 -36.16
CA ILE A 238 -14.33 -19.08 -35.58
C ILE A 238 -13.78 -20.11 -36.59
N GLU A 239 -14.64 -21.01 -37.07
CA GLU A 239 -14.17 -22.09 -37.94
C GLU A 239 -13.52 -21.55 -39.20
N LYS A 240 -14.14 -20.55 -39.82
CA LYS A 240 -13.66 -20.04 -41.09
C LYS A 240 -12.37 -19.22 -40.96
N ASP A 241 -12.24 -18.46 -39.87
CA ASP A 241 -11.01 -17.70 -39.65
C ASP A 241 -9.85 -18.68 -39.35
N MET A 242 -10.15 -19.75 -38.64
CA MET A 242 -9.18 -20.79 -38.35
C MET A 242 -8.67 -21.41 -39.65
N LYS A 243 -9.58 -21.77 -40.54
CA LYS A 243 -9.17 -22.43 -41.78
C LYS A 243 -8.28 -21.51 -42.62
N LYS A 244 -8.67 -20.24 -42.72
CA LYS A 244 -7.91 -19.22 -43.48
C LYS A 244 -6.47 -19.08 -42.98
N ASN A 245 -6.27 -19.28 -41.68
CA ASN A 245 -4.99 -18.98 -41.05
C ASN A 245 -4.17 -20.15 -40.53
N GLY A 246 -4.55 -21.37 -40.89
CA GLY A 246 -3.77 -22.53 -40.46
C GLY A 246 -4.05 -23.00 -39.04
N GLY A 247 -5.23 -22.63 -38.54
CA GLY A 247 -5.69 -23.14 -37.26
C GLY A 247 -6.49 -24.39 -37.52
N ILE A 248 -6.88 -25.07 -36.44
CA ILE A 248 -7.54 -26.38 -36.62
C ILE A 248 -8.85 -26.50 -35.84
N ILE A 249 -9.25 -25.43 -35.17
CA ILE A 249 -10.50 -25.45 -34.41
C ILE A 249 -11.68 -25.38 -35.38
N THR A 250 -12.64 -26.30 -35.20
CA THR A 250 -13.78 -26.42 -36.09
C THR A 250 -15.08 -26.27 -35.33
N LYS A 251 -16.18 -26.18 -36.07
CA LYS A 251 -17.51 -26.25 -35.45
C LYS A 251 -17.70 -27.50 -34.60
N GLU A 252 -17.14 -28.63 -35.04
CA GLU A 252 -17.22 -29.85 -34.24
C GLU A 252 -16.52 -29.72 -32.88
N ASP A 253 -15.34 -29.10 -32.88
CA ASP A 253 -14.66 -28.75 -31.62
C ASP A 253 -15.54 -27.88 -30.73
N LEU A 254 -16.15 -26.85 -31.31
CA LEU A 254 -16.93 -25.93 -30.50
C LEU A 254 -18.17 -26.61 -29.93
N ALA A 255 -18.84 -27.43 -30.76
CA ALA A 255 -20.07 -28.07 -30.34
C ALA A 255 -19.80 -29.13 -29.26
N SER A 256 -18.57 -29.63 -29.22
CA SER A 256 -18.25 -30.67 -28.24
C SER A 256 -17.52 -30.15 -27.02
N TYR A 257 -17.36 -28.84 -26.92
CA TYR A 257 -16.72 -28.28 -25.74
C TYR A 257 -17.60 -28.60 -24.53
N ASN A 258 -16.98 -29.14 -23.48
CA ASN A 258 -17.68 -29.48 -22.27
C ASN A 258 -16.93 -29.00 -21.01
N VAL A 259 -17.62 -28.28 -20.13
CA VAL A 259 -17.06 -28.05 -18.79
C VAL A 259 -17.08 -29.37 -18.02
N LYS A 260 -16.29 -29.42 -16.95
CA LYS A 260 -16.32 -30.54 -16.01
C LYS A 260 -16.40 -30.06 -14.57
N TRP A 261 -17.41 -30.54 -13.85
CA TRP A 261 -17.55 -30.30 -12.43
C TRP A 261 -16.69 -31.34 -11.74
N ARG A 262 -15.67 -30.89 -11.01
CA ARG A 262 -14.74 -31.79 -10.37
C ARG A 262 -14.69 -31.57 -8.87
N LYS A 263 -14.26 -32.57 -8.12
CA LYS A 263 -13.92 -32.36 -6.71
C LYS A 263 -12.69 -31.46 -6.63
N PRO A 264 -12.72 -30.45 -5.76
CA PRO A 264 -11.51 -29.67 -5.51
C PRO A 264 -10.48 -30.56 -4.79
N VAL A 265 -9.22 -30.15 -4.81
CA VAL A 265 -8.25 -30.80 -3.98
C VAL A 265 -8.36 -30.10 -2.61
N VAL A 266 -8.38 -30.89 -1.55
CA VAL A 266 -8.59 -30.36 -0.21
C VAL A 266 -7.45 -30.78 0.72
N GLY A 267 -7.07 -29.89 1.62
CA GLY A 267 -6.00 -30.16 2.58
C GLY A 267 -6.22 -29.35 3.83
N SER A 268 -5.26 -29.41 4.75
CA SER A 268 -5.36 -28.64 5.97
C SER A 268 -4.01 -28.03 6.30
N TYR A 269 -4.02 -26.89 6.98
CA TYR A 269 -2.78 -26.23 7.37
C TYR A 269 -3.06 -25.55 8.67
N ARG A 270 -2.50 -26.09 9.75
CA ARG A 270 -2.61 -25.49 11.07
C ARG A 270 -4.07 -25.21 11.51
N GLY A 271 -4.95 -26.15 11.19
CA GLY A 271 -6.35 -26.08 11.63
C GLY A 271 -7.26 -25.37 10.62
N TYR A 272 -6.68 -24.90 9.52
CA TYR A 272 -7.48 -24.28 8.47
C TYR A 272 -7.66 -25.27 7.33
N LYS A 273 -8.81 -25.20 6.66
CA LYS A 273 -9.09 -26.06 5.53
C LYS A 273 -8.75 -25.32 4.25
N ILE A 274 -7.99 -26.00 3.38
CA ILE A 274 -7.54 -25.43 2.12
C ILE A 274 -8.33 -26.09 0.98
N ILE A 275 -9.00 -25.29 0.16
CA ILE A 275 -9.81 -25.82 -0.98
C ILE A 275 -9.24 -25.19 -2.23
N SER A 276 -8.72 -26.01 -3.16
CA SER A 276 -8.12 -25.44 -4.32
C SER A 276 -8.36 -26.28 -5.56
N MET A 277 -7.78 -25.88 -6.67
CA MET A 277 -8.08 -26.50 -7.94
C MET A 277 -7.28 -27.77 -8.19
N SER A 278 -8.03 -28.79 -8.58
CA SER A 278 -7.56 -30.13 -8.88
C SER A 278 -7.14 -30.24 -10.37
N PRO A 279 -6.60 -31.39 -10.77
CA PRO A 279 -6.33 -31.56 -12.21
C PRO A 279 -7.57 -31.22 -13.07
N PRO A 280 -7.38 -30.53 -14.20
CA PRO A 280 -6.13 -30.29 -14.91
C PRO A 280 -5.26 -29.11 -14.46
N SER A 281 -5.51 -28.52 -13.29
CA SER A 281 -4.49 -27.64 -12.73
C SER A 281 -3.58 -28.46 -11.83
N SER A 282 -2.31 -28.06 -11.79
CA SER A 282 -1.36 -28.58 -10.80
C SER A 282 -1.36 -27.71 -9.53
N GLY A 283 -2.05 -26.56 -9.60
CA GLY A 283 -1.91 -25.50 -8.63
C GLY A 283 -2.35 -25.92 -7.24
N GLY A 284 -3.56 -26.46 -7.09
CA GLY A 284 -4.06 -26.84 -5.76
C GLY A 284 -3.22 -27.91 -5.11
N THR A 285 -2.84 -28.90 -5.92
CA THR A 285 -2.04 -30.04 -5.42
C THR A 285 -0.72 -29.56 -4.84
N HIS A 286 0.03 -28.78 -5.60
CA HIS A 286 1.33 -28.37 -5.12
C HIS A 286 1.22 -27.32 -4.04
N LEU A 287 0.16 -26.49 -4.08
CA LEU A 287 -0.07 -25.54 -3.00
C LEU A 287 -0.18 -26.31 -1.66
N ILE A 288 -1.05 -27.33 -1.64
CA ILE A 288 -1.29 -28.13 -0.47
C ILE A 288 -0.05 -28.92 -0.06
N GLN A 289 0.69 -29.42 -1.05
CA GLN A 289 1.90 -30.20 -0.79
C GLN A 289 2.96 -29.33 -0.12
N ILE A 290 3.16 -28.12 -0.63
CA ILE A 290 4.16 -27.20 -0.10
C ILE A 290 3.80 -26.73 1.31
N LEU A 291 2.55 -26.33 1.52
CA LEU A 291 2.04 -26.05 2.87
C LEU A 291 2.24 -27.26 3.79
N ASN A 292 1.98 -28.48 3.29
CA ASN A 292 2.15 -29.66 4.15
C ASN A 292 3.59 -29.77 4.62
N VAL A 293 4.55 -29.48 3.74
CA VAL A 293 5.95 -29.54 4.13
C VAL A 293 6.23 -28.48 5.22
N MET A 294 5.79 -27.26 4.95
CA MET A 294 6.01 -26.14 5.85
C MET A 294 5.38 -26.36 7.22
N GLU A 295 4.29 -27.13 7.29
CA GLU A 295 3.56 -27.34 8.54
C GLU A 295 4.43 -27.98 9.62
N ASN A 296 5.48 -28.70 9.19
CA ASN A 296 6.39 -29.39 10.12
C ASN A 296 7.35 -28.48 10.87
N ALA A 297 7.35 -27.21 10.52
CA ALA A 297 8.13 -26.22 11.25
C ALA A 297 7.20 -25.19 11.89
N ASP A 298 7.64 -24.58 12.99
CA ASP A 298 6.90 -23.47 13.59
C ASP A 298 7.44 -22.19 12.96
N LEU A 299 6.87 -21.81 11.82
CA LEU A 299 7.32 -20.61 11.10
C LEU A 299 7.03 -19.36 11.92
N SER A 300 5.94 -19.39 12.66
CA SER A 300 5.56 -18.22 13.46
C SER A 300 6.68 -17.77 14.41
N ALA A 301 7.44 -18.72 14.93
CA ALA A 301 8.54 -18.44 15.87
C ALA A 301 9.53 -17.40 15.37
N LEU A 302 9.95 -17.54 14.11
CA LEU A 302 10.95 -16.62 13.56
C LEU A 302 10.32 -15.50 12.74
N GLY A 303 9.09 -15.71 12.31
CA GLY A 303 8.32 -14.65 11.67
C GLY A 303 8.62 -14.39 10.21
N TYR A 304 7.91 -13.43 9.64
CA TYR A 304 8.00 -13.16 8.21
C TYR A 304 9.44 -12.83 7.76
N GLY A 305 9.86 -13.41 6.64
CA GLY A 305 11.11 -12.99 6.00
C GLY A 305 12.38 -13.55 6.60
N ALA A 306 12.27 -14.42 7.60
CA ALA A 306 13.45 -15.04 8.21
C ALA A 306 14.06 -16.01 7.20
N SER A 307 15.38 -16.01 7.05
CA SER A 307 16.00 -16.94 6.09
C SER A 307 15.70 -18.40 6.40
N LYS A 308 15.56 -18.73 7.69
CA LYS A 308 15.28 -20.13 8.04
C LYS A 308 13.91 -20.55 7.52
N ASN A 309 12.96 -19.62 7.56
CA ASN A 309 11.60 -19.86 7.03
C ASN A 309 11.54 -19.88 5.51
N ILE A 310 12.24 -18.94 4.87
CA ILE A 310 12.35 -18.93 3.40
C ILE A 310 12.98 -20.22 2.90
N HIS A 311 14.00 -20.70 3.60
CA HIS A 311 14.69 -21.93 3.19
C HIS A 311 13.74 -23.13 3.21
N ILE A 312 12.93 -23.25 4.27
CA ILE A 312 11.99 -24.39 4.37
C ILE A 312 10.98 -24.33 3.23
N ALA A 313 10.38 -23.17 3.03
CA ALA A 313 9.44 -22.99 1.94
C ALA A 313 10.09 -23.24 0.58
N ALA A 314 11.27 -22.69 0.33
CA ALA A 314 11.91 -22.86 -0.97
C ALA A 314 12.30 -24.34 -1.25
N GLU A 315 12.73 -25.07 -0.23
CA GLU A 315 13.08 -26.49 -0.46
C GLU A 315 11.82 -27.29 -0.72
N ALA A 316 10.74 -26.91 -0.05
CA ALA A 316 9.45 -27.54 -0.34
C ALA A 316 8.99 -27.26 -1.78
N MET A 317 9.13 -26.01 -2.21
CA MET A 317 8.87 -25.65 -3.61
C MET A 317 9.73 -26.44 -4.59
N ARG A 318 11.02 -26.55 -4.29
CA ARG A 318 11.95 -27.24 -5.18
C ARG A 318 11.45 -28.68 -5.46
N GLN A 319 11.08 -29.41 -4.41
CA GLN A 319 10.61 -30.79 -4.61
C GLN A 319 9.25 -30.82 -5.33
N ALA A 320 8.34 -29.92 -4.97
CA ALA A 320 7.04 -29.86 -5.62
C ALA A 320 7.11 -29.60 -7.14
N TYR A 321 7.96 -28.68 -7.60
CA TYR A 321 8.09 -28.44 -9.02
C TYR A 321 8.81 -29.55 -9.79
N ALA A 322 9.74 -30.26 -9.13
CA ALA A 322 10.30 -31.47 -9.74
C ALA A 322 9.17 -32.51 -9.89
N ASP A 323 8.34 -32.65 -8.86
CA ASP A 323 7.24 -33.61 -8.95
C ASP A 323 6.28 -33.24 -10.07
N ARG A 324 5.99 -31.94 -10.18
CA ARG A 324 5.10 -31.43 -11.19
C ARG A 324 5.55 -31.90 -12.57
N SER A 325 6.86 -31.85 -12.84
CA SER A 325 7.40 -32.14 -14.18
C SER A 325 7.16 -33.59 -14.65
N VAL A 326 6.92 -34.51 -13.70
CA VAL A 326 6.74 -35.92 -14.03
C VAL A 326 5.30 -36.37 -13.85
N TYR A 327 4.63 -35.92 -12.79
CA TYR A 327 3.37 -36.52 -12.37
C TYR A 327 2.09 -35.82 -12.81
N MET A 328 2.20 -34.58 -13.31
CA MET A 328 1.02 -33.76 -13.54
C MET A 328 0.59 -33.61 -14.97
N GLY A 329 -0.73 -33.73 -15.15
CA GLY A 329 -1.39 -33.54 -16.43
C GLY A 329 -2.89 -33.70 -16.23
N ASP A 330 -3.61 -33.74 -17.35
CA ASP A 330 -5.05 -33.96 -17.31
C ASP A 330 -5.36 -35.40 -16.89
N ALA A 331 -5.95 -35.55 -15.71
CA ALA A 331 -6.21 -36.86 -15.13
C ALA A 331 -7.22 -37.69 -15.90
N ASP A 332 -7.94 -37.05 -16.83
CA ASP A 332 -8.85 -37.78 -17.72
C ASP A 332 -8.05 -38.58 -18.75
N PHE A 333 -6.76 -38.27 -18.89
CA PHE A 333 -5.90 -38.93 -19.89
C PHE A 333 -4.68 -39.67 -19.34
N VAL A 334 -4.16 -39.19 -18.20
CA VAL A 334 -2.98 -39.79 -17.56
C VAL A 334 -3.23 -40.06 -16.08
N SER A 335 -2.38 -40.89 -15.48
N SER A 335 -2.38 -40.88 -15.45
CA SER A 335 -2.47 -41.13 -14.03
CA SER A 335 -2.57 -41.15 -14.00
C SER A 335 -1.81 -39.98 -13.31
C SER A 335 -1.81 -40.19 -13.11
N VAL A 336 -2.56 -39.33 -12.41
CA VAL A 336 -2.01 -38.26 -11.58
C VAL A 336 -2.20 -38.63 -10.11
N PRO A 337 -1.08 -38.89 -9.43
CA PRO A 337 -1.10 -39.34 -8.01
C PRO A 337 -1.39 -38.19 -7.01
N VAL A 338 -2.54 -37.53 -7.16
CA VAL A 338 -2.90 -36.38 -6.31
C VAL A 338 -2.84 -36.76 -4.83
N ASP A 339 -3.49 -37.85 -4.48
CA ASP A 339 -3.57 -38.26 -3.09
C ASP A 339 -2.19 -38.53 -2.47
N LYS A 340 -1.28 -39.07 -3.25
CA LYS A 340 0.07 -39.29 -2.72
C LYS A 340 0.81 -37.97 -2.56
N LEU A 341 0.59 -37.06 -3.51
CA LEU A 341 1.30 -35.78 -3.48
C LEU A 341 0.87 -34.90 -2.32
N ILE A 342 -0.39 -35.03 -1.89
CA ILE A 342 -0.93 -34.20 -0.81
C ILE A 342 -0.95 -34.96 0.51
N ASN A 343 -0.38 -36.17 0.49
CA ASN A 343 -0.28 -36.98 1.72
C ASN A 343 0.72 -36.33 2.67
N LYS A 344 0.30 -36.10 3.91
CA LYS A 344 1.15 -35.45 4.89
C LYS A 344 2.40 -36.28 5.24
N ALA A 345 2.34 -37.60 5.14
CA ALA A 345 3.54 -38.42 5.39
C ALA A 345 4.60 -38.22 4.31
N TYR A 346 4.17 -38.06 3.06
CA TYR A 346 5.10 -37.71 2.00
C TYR A 346 5.73 -36.34 2.29
N ALA A 347 4.92 -35.38 2.73
CA ALA A 347 5.43 -34.05 3.00
C ALA A 347 6.46 -34.10 4.14
N LYS A 348 6.20 -34.94 5.14
CA LYS A 348 7.16 -35.13 6.23
C LYS A 348 8.50 -35.73 5.74
N LYS A 349 8.45 -36.65 4.79
CA LYS A 349 9.68 -37.19 4.22
C LYS A 349 10.47 -36.08 3.52
N ILE A 350 9.76 -35.20 2.81
CA ILE A 350 10.41 -34.05 2.16
C ILE A 350 11.05 -33.17 3.24
N PHE A 351 10.27 -32.86 4.28
CA PHE A 351 10.74 -32.00 5.36
C PHE A 351 12.01 -32.56 6.00
N ASP A 352 12.04 -33.86 6.23
CA ASP A 352 13.21 -34.54 6.82
C ASP A 352 14.51 -34.33 6.06
N THR A 353 14.42 -34.05 4.78
CA THR A 353 15.59 -33.86 3.93
C THR A 353 16.12 -32.44 3.95
N ILE A 354 15.36 -31.51 4.55
CA ILE A 354 15.75 -30.09 4.51
C ILE A 354 16.80 -29.81 5.58
N GLN A 355 18.03 -29.54 5.13
CA GLN A 355 19.16 -29.28 6.02
C GLN A 355 19.10 -27.86 6.58
N PRO A 356 19.39 -27.70 7.88
CA PRO A 356 19.44 -26.39 8.54
C PRO A 356 20.19 -25.28 7.78
N ASP A 357 21.32 -25.60 7.17
CA ASP A 357 22.22 -24.55 6.69
C ASP A 357 22.70 -24.73 5.26
N THR A 358 22.06 -25.63 4.53
CA THR A 358 22.48 -25.90 3.14
C THR A 358 21.30 -26.39 2.28
N VAL A 359 21.38 -26.11 0.98
CA VAL A 359 20.35 -26.49 0.02
C VAL A 359 20.51 -27.92 -0.44
N THR A 360 19.43 -28.46 -0.99
CA THR A 360 19.48 -29.67 -1.79
C THR A 360 19.50 -29.18 -3.23
N PRO A 361 20.67 -29.25 -3.90
CA PRO A 361 20.69 -28.71 -5.27
C PRO A 361 19.65 -29.40 -6.16
N SER A 362 19.09 -28.67 -7.14
CA SER A 362 18.07 -29.23 -8.02
C SER A 362 18.56 -30.46 -8.77
N SER A 363 19.85 -30.50 -9.13
CA SER A 363 20.42 -31.66 -9.83
C SER A 363 20.33 -32.95 -9.02
N GLN A 364 20.08 -32.80 -7.71
CA GLN A 364 20.06 -33.91 -6.77
C GLN A 364 18.62 -34.30 -6.37
N ILE A 365 17.65 -33.55 -6.84
CA ILE A 365 16.24 -33.84 -6.54
C ILE A 365 15.74 -34.96 -7.41
N LYS A 366 15.02 -35.90 -6.80
CA LYS A 366 14.37 -36.98 -7.51
C LYS A 366 12.88 -36.73 -7.46
N PRO A 367 12.23 -36.57 -8.63
CA PRO A 367 10.76 -36.53 -8.60
C PRO A 367 10.17 -37.72 -7.85
N GLY A 368 9.29 -37.44 -6.90
CA GLY A 368 8.62 -38.45 -6.10
C GLY A 368 9.53 -39.00 -5.01
N MET A 369 10.78 -38.54 -5.01
CA MET A 369 11.81 -39.02 -4.06
C MET A 369 12.08 -40.53 -4.05
N GLY A 370 11.40 -41.29 -4.90
CA GLY A 370 11.51 -42.76 -4.88
C GLY A 370 10.33 -43.43 -4.17
N ALA B 1 -3.38 -14.66 -17.50
CA ALA B 1 -4.36 -14.86 -16.39
C ALA B 1 -4.67 -13.59 -15.62
N THR B 2 -5.86 -13.63 -15.01
CA THR B 2 -6.27 -12.65 -14.02
C THR B 2 -7.15 -13.40 -13.02
N HIS B 3 -7.10 -12.98 -11.75
CA HIS B 3 -7.81 -13.63 -10.69
C HIS B 3 -8.85 -12.69 -10.10
N TYR B 4 -10.03 -13.21 -9.82
CA TYR B 4 -10.99 -12.44 -9.06
C TYR B 4 -11.69 -13.26 -8.01
N SER B 5 -12.11 -12.58 -6.94
CA SER B 5 -12.57 -13.23 -5.72
C SER B 5 -13.90 -12.60 -5.30
N VAL B 6 -14.86 -13.43 -4.92
CA VAL B 6 -16.16 -12.92 -4.52
C VAL B 6 -16.61 -13.67 -3.28
N ALA B 7 -17.19 -12.94 -2.34
CA ALA B 7 -17.81 -13.52 -1.14
C ALA B 7 -19.08 -12.76 -0.80
N ASP B 8 -20.16 -13.49 -0.54
CA ASP B 8 -21.46 -12.86 -0.30
C ASP B 8 -21.87 -13.01 1.14
N ARG B 9 -23.02 -12.46 1.49
CA ARG B 9 -23.44 -12.43 2.91
C ARG B 9 -23.92 -13.79 3.46
N TRP B 10 -24.21 -14.73 2.57
CA TRP B 10 -24.77 -16.04 2.93
C TRP B 10 -23.74 -17.12 3.13
N GLY B 11 -22.48 -16.80 2.88
CA GLY B 11 -21.43 -17.79 3.08
C GLY B 11 -20.92 -18.42 1.80
N ASN B 12 -21.42 -17.98 0.66
CA ASN B 12 -20.87 -18.45 -0.62
C ASN B 12 -19.60 -17.71 -0.94
N ALA B 13 -18.64 -18.42 -1.51
CA ALA B 13 -17.41 -17.77 -1.99
C ALA B 13 -17.05 -18.39 -3.33
N VAL B 14 -16.57 -17.54 -4.21
CA VAL B 14 -16.19 -17.96 -5.56
C VAL B 14 -14.81 -17.38 -5.86
N SER B 15 -13.90 -18.25 -6.24
CA SER B 15 -12.53 -17.83 -6.54
C SER B 15 -12.26 -18.23 -7.96
N VAL B 16 -12.08 -17.25 -8.84
CA VAL B 16 -11.91 -17.55 -10.27
C VAL B 16 -10.57 -17.08 -10.83
N THR B 17 -9.82 -18.00 -11.42
CA THR B 17 -8.68 -17.58 -12.22
C THR B 17 -8.94 -18.01 -13.63
N TYR B 18 -8.79 -17.06 -14.56
CA TYR B 18 -9.00 -17.42 -15.97
C TYR B 18 -8.06 -16.63 -16.86
N THR B 19 -7.91 -17.07 -18.10
CA THR B 19 -6.71 -16.66 -18.86
C THR B 19 -6.84 -16.91 -20.35
N ILE B 20 -6.04 -16.18 -21.11
CA ILE B 20 -5.72 -16.57 -22.49
C ILE B 20 -4.26 -16.99 -22.62
N ASN B 21 -3.63 -17.22 -21.47
CA ASN B 21 -2.23 -17.55 -21.31
C ASN B 21 -1.31 -16.33 -21.30
N ALA B 22 -0.54 -16.13 -22.35
CA ALA B 22 0.31 -14.96 -22.42
C ALA B 22 -0.49 -13.67 -22.41
N SER B 23 0.22 -12.56 -22.25
CA SER B 23 -0.43 -11.29 -22.39
C SER B 23 -1.03 -11.18 -23.79
N TYR B 24 -2.34 -11.00 -23.87
CA TYR B 24 -3.08 -10.96 -25.17
C TYR B 24 -3.08 -12.34 -25.89
N GLY B 25 -2.77 -13.39 -25.13
CA GLY B 25 -2.87 -14.77 -25.63
C GLY B 25 -1.95 -14.99 -26.82
N SER B 26 -2.51 -15.59 -27.88
CA SER B 26 -1.81 -15.88 -29.12
C SER B 26 -1.57 -14.64 -29.96
N ALA B 27 -2.14 -13.51 -29.53
CA ALA B 27 -2.13 -12.21 -30.27
C ALA B 27 -3.03 -12.19 -31.51
N ALA B 28 -3.69 -13.32 -31.79
CA ALA B 28 -4.55 -13.43 -32.96
C ALA B 28 -6.00 -13.39 -32.51
N SER B 29 -6.81 -12.62 -33.23
CA SER B 29 -8.22 -12.47 -32.91
C SER B 29 -9.07 -13.24 -33.92
N ILE B 30 -10.29 -13.60 -33.53
CA ILE B 30 -11.25 -14.11 -34.51
C ILE B 30 -11.90 -12.96 -35.28
N ASP B 31 -11.62 -12.90 -36.58
CA ASP B 31 -12.16 -11.83 -37.41
C ASP B 31 -13.70 -11.92 -37.44
N GLY B 32 -14.35 -10.80 -37.16
CA GLY B 32 -15.81 -10.73 -37.09
C GLY B 32 -16.34 -10.90 -35.68
N ALA B 33 -15.54 -11.43 -34.78
CA ALA B 33 -16.04 -11.74 -33.44
C ALA B 33 -15.41 -10.89 -32.33
N GLY B 34 -14.31 -10.21 -32.64
CA GLY B 34 -13.71 -9.22 -31.72
C GLY B 34 -13.00 -9.69 -30.48
N PHE B 35 -12.64 -10.97 -30.42
CA PHE B 35 -11.93 -11.46 -29.25
C PHE B 35 -10.64 -12.15 -29.61
N LEU B 36 -9.72 -12.08 -28.66
CA LEU B 36 -8.40 -12.72 -28.75
C LEU B 36 -8.44 -14.20 -28.44
N LEU B 37 -7.71 -14.95 -29.25
CA LEU B 37 -7.53 -16.40 -29.01
C LEU B 37 -6.44 -16.66 -27.98
N ASN B 38 -6.73 -17.60 -27.09
CA ASN B 38 -5.71 -18.10 -26.16
C ASN B 38 -4.49 -18.69 -26.88
N ASN B 39 -3.35 -18.73 -26.18
CA ASN B 39 -2.24 -19.60 -26.60
C ASN B 39 -1.98 -20.67 -25.54
N GLU B 40 -3.07 -21.26 -25.08
CA GLU B 40 -3.02 -22.23 -23.99
C GLU B 40 -2.32 -23.52 -24.41
N MET B 41 -2.15 -23.77 -25.71
CA MET B 41 -1.44 -24.99 -26.13
C MET B 41 0.01 -25.00 -25.63
N ASP B 42 0.58 -23.83 -25.37
CA ASP B 42 1.93 -23.77 -24.86
C ASP B 42 2.03 -24.27 -23.42
N ASP B 43 0.89 -24.47 -22.78
CA ASP B 43 0.88 -25.07 -21.44
C ASP B 43 1.01 -26.59 -21.44
N PHE B 44 0.88 -27.23 -22.61
CA PHE B 44 1.30 -28.61 -22.76
C PHE B 44 2.82 -28.67 -22.81
N SER B 45 3.36 -29.87 -22.61
CA SER B 45 4.72 -30.13 -23.03
C SER B 45 4.68 -30.46 -24.50
N ILE B 46 5.32 -29.66 -25.33
CA ILE B 46 5.30 -29.91 -26.78
C ILE B 46 6.37 -30.91 -27.24
N LYS B 47 7.29 -31.20 -26.33
CA LYS B 47 8.43 -32.05 -26.59
C LYS B 47 9.07 -32.32 -25.22
N PRO B 48 9.33 -33.61 -24.90
CA PRO B 48 9.90 -33.90 -23.58
C PRO B 48 11.13 -33.07 -23.26
N GLY B 49 11.06 -32.39 -22.12
CA GLY B 49 12.17 -31.57 -21.63
C GLY B 49 12.27 -30.17 -22.21
N ASN B 50 11.39 -29.83 -23.15
CA ASN B 50 11.37 -28.48 -23.71
C ASN B 50 10.73 -27.50 -22.74
N PRO B 51 11.43 -26.41 -22.39
CA PRO B 51 10.82 -25.47 -21.43
C PRO B 51 9.82 -24.53 -22.09
N ASN B 52 8.66 -24.34 -21.48
CA ASN B 52 7.66 -23.44 -22.06
C ASN B 52 7.88 -21.96 -21.66
N LEU B 53 6.88 -21.12 -21.92
CA LEU B 53 7.01 -19.68 -21.62
C LEU B 53 7.33 -19.36 -20.14
N TYR B 54 7.03 -20.28 -19.24
CA TYR B 54 7.34 -20.06 -17.81
C TYR B 54 8.53 -20.90 -17.34
N GLY B 55 9.23 -21.52 -18.29
CA GLY B 55 10.38 -22.36 -17.98
C GLY B 55 9.99 -23.73 -17.45
N LEU B 56 8.72 -24.10 -17.61
CA LEU B 56 8.20 -25.39 -17.11
C LEU B 56 8.46 -26.50 -18.12
N VAL B 57 8.76 -27.70 -17.63
CA VAL B 57 9.02 -28.84 -18.54
C VAL B 57 8.08 -29.98 -18.17
N GLY B 58 7.98 -30.93 -19.08
CA GLY B 58 7.19 -32.13 -18.82
C GLY B 58 7.62 -33.26 -19.73
N GLY B 59 6.80 -34.31 -19.72
CA GLY B 59 7.04 -35.51 -20.51
C GLY B 59 5.72 -36.11 -20.95
N ASP B 60 5.46 -37.35 -20.55
CA ASP B 60 4.25 -38.03 -20.97
C ASP B 60 3.00 -37.46 -20.32
N ALA B 61 3.05 -37.12 -19.04
CA ALA B 61 1.83 -36.77 -18.33
C ALA B 61 1.14 -35.57 -18.97
N ASN B 62 1.93 -34.61 -19.41
CA ASN B 62 1.41 -33.35 -19.95
C ASN B 62 1.65 -33.23 -21.44
N ALA B 63 1.76 -34.38 -22.11
CA ALA B 63 1.90 -34.40 -23.58
C ALA B 63 0.56 -34.04 -24.21
N ILE B 64 0.61 -33.51 -25.43
CA ILE B 64 -0.61 -33.17 -26.16
C ILE B 64 -1.33 -34.45 -26.63
N GLU B 65 -2.66 -34.42 -26.51
CA GLU B 65 -3.52 -35.38 -27.13
C GLU B 65 -4.84 -34.67 -27.49
N ALA B 66 -5.55 -35.13 -28.53
CA ALA B 66 -6.85 -34.54 -28.90
C ALA B 66 -7.78 -34.54 -27.69
N ASN B 67 -8.46 -33.41 -27.49
CA ASN B 67 -9.43 -33.17 -26.41
C ASN B 67 -8.85 -33.03 -25.00
N LYS B 68 -7.55 -33.25 -24.84
CA LYS B 68 -6.92 -33.18 -23.52
C LYS B 68 -6.77 -31.73 -23.08
N ARG B 69 -6.85 -31.49 -21.78
CA ARG B 69 -6.73 -30.13 -21.25
C ARG B 69 -5.26 -29.90 -20.82
N PRO B 70 -4.62 -28.81 -21.31
CA PRO B 70 -3.22 -28.56 -20.94
C PRO B 70 -3.09 -28.25 -19.45
N LEU B 71 -2.02 -28.76 -18.85
CA LEU B 71 -1.75 -28.53 -17.44
C LEU B 71 -1.66 -27.05 -17.11
N SER B 72 -2.35 -26.65 -16.05
CA SER B 72 -2.28 -25.27 -15.59
C SER B 72 -1.52 -25.19 -14.25
N SER B 73 -1.12 -23.97 -13.89
CA SER B 73 -0.63 -23.65 -12.55
C SER B 73 -1.65 -22.84 -11.78
N MET B 74 -2.78 -22.49 -12.40
CA MET B 74 -3.74 -21.59 -11.72
C MET B 74 -4.27 -22.22 -10.40
N SER B 75 -4.30 -21.42 -9.34
CA SER B 75 -4.58 -21.90 -7.99
C SER B 75 -5.66 -21.07 -7.30
N PRO B 76 -6.86 -20.92 -7.92
CA PRO B 76 -7.95 -20.24 -7.20
C PRO B 76 -8.22 -21.07 -5.95
N THR B 77 -8.22 -20.39 -4.81
CA THR B 77 -8.24 -21.07 -3.52
C THR B 77 -9.22 -20.40 -2.54
N ILE B 78 -9.84 -21.22 -1.71
CA ILE B 78 -10.66 -20.76 -0.59
C ILE B 78 -10.13 -21.44 0.65
N VAL B 79 -9.93 -20.65 1.70
CA VAL B 79 -9.50 -21.18 3.01
C VAL B 79 -10.65 -21.03 3.97
N LEU B 80 -10.96 -22.12 4.67
CA LEU B 80 -12.00 -22.09 5.69
C LEU B 80 -11.42 -22.12 7.08
N LYS B 81 -12.10 -21.42 8.01
CA LYS B 81 -11.77 -21.50 9.43
C LYS B 81 -13.05 -21.85 10.13
N ASN B 82 -13.04 -22.97 10.86
CA ASN B 82 -14.22 -23.47 11.54
C ASN B 82 -15.39 -23.67 10.56
N ASN B 83 -15.05 -24.13 9.36
CA ASN B 83 -16.01 -24.37 8.28
C ASN B 83 -16.69 -23.11 7.73
N LYS B 84 -16.12 -21.95 8.01
CA LYS B 84 -16.64 -20.69 7.50
C LYS B 84 -15.61 -20.13 6.54
N VAL B 85 -16.07 -19.41 5.53
CA VAL B 85 -15.14 -18.73 4.65
C VAL B 85 -14.22 -17.81 5.45
N PHE B 86 -12.93 -17.95 5.19
CA PHE B 86 -11.90 -17.15 5.86
C PHE B 86 -11.10 -16.38 4.84
N LEU B 87 -10.59 -17.06 3.80
CA LEU B 87 -9.86 -16.35 2.73
C LEU B 87 -10.37 -16.76 1.38
N VAL B 88 -10.37 -15.81 0.45
CA VAL B 88 -10.61 -16.11 -0.97
C VAL B 88 -9.44 -15.50 -1.69
N VAL B 89 -8.66 -16.32 -2.40
CA VAL B 89 -7.34 -15.86 -2.87
C VAL B 89 -6.94 -16.54 -4.17
N GLY B 90 -6.15 -15.85 -4.98
CA GLY B 90 -5.62 -16.39 -6.22
C GLY B 90 -4.78 -15.34 -6.89
N SER B 91 -4.14 -15.74 -7.98
CA SER B 91 -3.23 -14.86 -8.70
C SER B 91 -2.92 -15.38 -10.08
N PRO B 92 -2.58 -14.46 -11.01
CA PRO B 92 -1.85 -14.87 -12.21
C PRO B 92 -0.33 -15.01 -11.97
N GLY B 93 0.38 -15.42 -13.03
CA GLY B 93 1.85 -15.49 -12.93
C GLY B 93 2.48 -16.76 -13.46
N GLY B 94 1.77 -17.53 -14.28
CA GLY B 94 2.34 -18.74 -14.84
C GLY B 94 2.84 -19.66 -13.74
N SER B 95 4.09 -20.09 -13.88
CA SER B 95 4.69 -20.92 -12.84
C SER B 95 4.72 -20.32 -11.43
N ARG B 96 4.69 -19.00 -11.34
CA ARG B 96 4.79 -18.30 -10.05
C ARG B 96 3.46 -18.25 -9.32
N ILE B 97 2.37 -18.71 -9.95
CA ILE B 97 1.07 -18.61 -9.26
C ILE B 97 1.05 -19.41 -7.95
N ILE B 98 1.52 -20.66 -8.01
CA ILE B 98 1.48 -21.55 -6.86
C ILE B 98 2.20 -20.93 -5.66
N THR B 99 3.38 -20.39 -5.92
CA THR B 99 4.18 -19.86 -4.81
C THR B 99 3.64 -18.51 -4.32
N THR B 100 3.10 -17.70 -5.23
CA THR B 100 2.45 -16.43 -4.84
C THR B 100 1.29 -16.70 -3.88
N VAL B 101 0.43 -17.65 -4.29
CA VAL B 101 -0.79 -17.88 -3.52
C VAL B 101 -0.41 -18.44 -2.15
N LEU B 102 0.54 -19.38 -2.13
CA LEU B 102 0.84 -20.01 -0.87
C LEU B 102 1.49 -19.01 0.10
N GLN B 103 2.30 -18.11 -0.41
CA GLN B 103 2.90 -17.07 0.45
C GLN B 103 1.83 -16.15 1.08
N VAL B 104 0.85 -15.72 0.29
CA VAL B 104 -0.27 -14.92 0.88
C VAL B 104 -0.96 -15.68 2.02
N ILE B 105 -1.30 -16.96 1.77
CA ILE B 105 -1.91 -17.79 2.80
C ILE B 105 -1.05 -17.96 4.06
N SER B 106 0.21 -18.32 3.88
CA SER B 106 1.17 -18.41 4.98
C SER B 106 1.28 -17.08 5.77
N ASN B 107 1.36 -15.99 5.05
CA ASN B 107 1.48 -14.67 5.71
C ASN B 107 0.32 -14.39 6.68
N VAL B 108 -0.90 -14.78 6.30
CA VAL B 108 -2.04 -14.68 7.20
C VAL B 108 -1.96 -15.71 8.36
N ILE B 109 -1.82 -17.00 8.02
CA ILE B 109 -1.90 -18.04 9.03
C ILE B 109 -0.67 -18.09 9.96
N ASP B 110 0.52 -18.05 9.36
CA ASP B 110 1.72 -18.12 10.15
C ASP B 110 2.11 -16.83 10.84
N TYR B 111 1.93 -15.69 10.17
CA TYR B 111 2.47 -14.44 10.71
C TYR B 111 1.41 -13.48 11.22
N ASN B 112 0.14 -13.85 11.04
N ASN B 112 0.14 -13.86 11.02
CA ASN B 112 -0.98 -13.03 11.53
CA ASN B 112 -1.00 -13.05 11.48
C ASN B 112 -1.05 -11.66 10.83
C ASN B 112 -1.07 -11.68 10.81
N MET B 113 -0.63 -11.62 9.56
CA MET B 113 -0.85 -10.44 8.73
C MET B 113 -2.33 -10.33 8.38
N ASN B 114 -2.85 -9.11 8.31
CA ASN B 114 -4.16 -8.91 7.70
C ASN B 114 -4.04 -9.08 6.19
N ILE B 115 -5.15 -9.07 5.45
CA ILE B 115 -5.07 -9.43 4.05
C ILE B 115 -4.27 -8.42 3.23
N SER B 116 -4.33 -7.15 3.62
CA SER B 116 -3.57 -6.11 2.91
C SER B 116 -2.05 -6.30 3.07
N GLU B 117 -1.65 -6.54 4.31
CA GLU B 117 -0.25 -6.83 4.63
C GLU B 117 0.21 -8.09 3.93
N ALA B 118 -0.63 -9.12 3.95
CA ALA B 118 -0.28 -10.42 3.38
C ALA B 118 -0.02 -10.31 1.87
N VAL B 119 -0.80 -9.46 1.21
CA VAL B 119 -0.71 -9.29 -0.25
C VAL B 119 0.47 -8.40 -0.61
N SER B 120 0.70 -7.34 0.16
N SER B 120 0.68 -7.34 0.16
CA SER B 120 1.77 -6.39 -0.14
CA SER B 120 1.77 -6.40 -0.10
C SER B 120 3.17 -6.91 0.22
C SER B 120 3.15 -7.01 0.11
N ALA B 121 3.24 -7.93 1.08
CA ALA B 121 4.54 -8.47 1.54
C ALA B 121 5.35 -8.98 0.35
N PRO B 122 6.66 -8.65 0.30
CA PRO B 122 7.51 -9.18 -0.78
C PRO B 122 7.42 -10.72 -0.90
N ARG B 123 7.57 -11.22 -2.12
CA ARG B 123 7.40 -12.64 -2.43
C ARG B 123 8.73 -13.17 -2.99
N PHE B 124 8.99 -14.45 -2.71
CA PHE B 124 10.11 -15.15 -3.33
C PHE B 124 9.59 -16.35 -4.12
N HIS B 125 10.47 -16.98 -4.88
CA HIS B 125 10.03 -18.07 -5.75
C HIS B 125 11.17 -19.04 -6.06
N MET B 126 10.87 -20.33 -5.95
CA MET B 126 11.78 -21.41 -6.37
C MET B 126 10.96 -22.40 -7.20
N GLN B 127 11.39 -22.66 -8.43
CA GLN B 127 10.69 -23.63 -9.26
C GLN B 127 11.55 -24.79 -9.77
N TRP B 128 12.68 -25.02 -9.06
CA TRP B 128 13.52 -26.21 -9.27
C TRP B 128 14.42 -26.02 -10.48
N LEU B 129 13.82 -25.88 -11.67
CA LEU B 129 14.57 -25.41 -12.84
C LEU B 129 13.89 -24.15 -13.38
N PRO B 130 14.64 -23.02 -13.51
CA PRO B 130 16.04 -22.79 -13.14
C PRO B 130 16.25 -22.93 -11.64
N ASP B 131 17.45 -23.38 -11.25
CA ASP B 131 17.80 -23.54 -9.86
C ASP B 131 18.26 -22.18 -9.35
N GLU B 132 17.28 -21.39 -8.93
CA GLU B 132 17.52 -20.02 -8.51
C GLU B 132 16.41 -19.64 -7.54
N LEU B 133 16.76 -18.76 -6.62
CA LEU B 133 15.78 -18.16 -5.72
C LEU B 133 15.42 -16.79 -6.25
N ARG B 134 14.24 -16.69 -6.85
CA ARG B 134 13.77 -15.43 -7.47
C ARG B 134 13.17 -14.54 -6.39
N ILE B 135 13.61 -13.29 -6.37
CA ILE B 135 13.07 -12.32 -5.39
C ILE B 135 12.65 -11.03 -6.09
N GLU B 136 12.09 -10.12 -5.32
CA GLU B 136 11.61 -8.82 -5.80
C GLU B 136 12.50 -7.68 -5.30
N LYS B 137 12.54 -6.59 -6.05
CA LYS B 137 13.32 -5.40 -5.68
C LYS B 137 12.85 -4.92 -4.29
N PHE B 138 13.81 -4.65 -3.41
CA PHE B 138 13.56 -4.25 -2.02
C PHE B 138 12.92 -5.32 -1.13
N GLY B 139 12.86 -6.55 -1.61
CA GLY B 139 12.11 -7.56 -0.89
C GLY B 139 12.91 -8.36 0.11
N MET B 140 14.22 -8.34 -0.01
CA MET B 140 15.05 -9.13 0.88
C MET B 140 16.29 -8.32 1.24
N PRO B 141 16.52 -8.04 2.57
CA PRO B 141 17.70 -7.30 2.97
C PRO B 141 19.00 -8.10 2.89
N ALA B 142 20.10 -7.37 2.84
CA ALA B 142 21.45 -7.93 2.74
C ALA B 142 21.65 -9.10 3.69
N ASP B 143 21.28 -8.95 4.98
CA ASP B 143 21.56 -10.00 5.97
C ASP B 143 20.89 -11.32 5.61
N VAL B 144 19.67 -11.23 5.09
CA VAL B 144 18.90 -12.41 4.73
C VAL B 144 19.50 -13.03 3.46
N LYS B 145 19.79 -12.18 2.48
CA LYS B 145 20.41 -12.61 1.23
C LYS B 145 21.74 -13.32 1.51
N ASP B 146 22.54 -12.75 2.41
CA ASP B 146 23.84 -13.34 2.74
C ASP B 146 23.68 -14.76 3.29
N ASN B 147 22.78 -14.91 4.24
CA ASN B 147 22.52 -16.22 4.84
C ASN B 147 22.01 -17.27 3.88
N LEU B 148 21.09 -16.87 3.01
CA LEU B 148 20.58 -17.76 1.98
C LEU B 148 21.65 -18.11 0.94
N THR B 149 22.46 -17.15 0.55
CA THR B 149 23.57 -17.39 -0.39
C THR B 149 24.56 -18.39 0.21
N LYS B 150 24.82 -18.27 1.51
CA LYS B 150 25.71 -19.20 2.19
C LYS B 150 25.16 -20.64 2.18
N MET B 151 23.84 -20.76 2.28
CA MET B 151 23.19 -22.05 2.16
C MET B 151 23.35 -22.69 0.78
N GLY B 152 23.60 -21.87 -0.22
CA GLY B 152 23.78 -22.38 -1.60
C GLY B 152 22.73 -21.94 -2.61
N TYR B 153 21.92 -20.94 -2.26
CA TYR B 153 20.98 -20.37 -3.22
C TYR B 153 21.68 -19.36 -4.11
N GLN B 154 21.31 -19.38 -5.39
CA GLN B 154 21.65 -18.34 -6.33
C GLN B 154 20.44 -17.39 -6.38
N ILE B 155 20.59 -16.22 -5.74
CA ILE B 155 19.51 -15.26 -5.62
C ILE B 155 19.50 -14.37 -6.85
N VAL B 156 18.33 -14.20 -7.45
CA VAL B 156 18.19 -13.31 -8.60
C VAL B 156 17.00 -12.38 -8.38
N THR B 157 17.21 -11.08 -8.61
CA THR B 157 16.10 -10.10 -8.53
C THR B 157 15.47 -9.97 -9.92
N LYS B 158 14.15 -10.19 -9.97
CA LYS B 158 13.38 -10.14 -11.21
C LYS B 158 12.10 -9.32 -11.01
N PRO B 159 11.36 -9.03 -12.10
CA PRO B 159 10.15 -8.21 -11.96
C PRO B 159 9.16 -8.77 -10.94
N VAL B 160 8.36 -7.88 -10.33
CA VAL B 160 7.41 -8.31 -9.29
C VAL B 160 6.51 -9.42 -9.78
N MET B 161 6.17 -10.30 -8.86
CA MET B 161 5.42 -11.53 -9.16
C MET B 161 3.97 -11.44 -8.73
N GLY B 162 3.06 -11.58 -9.70
CA GLY B 162 1.66 -11.84 -9.37
C GLY B 162 0.76 -10.61 -9.31
N ASP B 163 -0.50 -10.88 -9.04
CA ASP B 163 -1.52 -9.84 -8.96
C ASP B 163 -2.67 -10.44 -8.19
N VAL B 164 -2.52 -10.45 -6.87
CA VAL B 164 -3.47 -11.09 -5.98
C VAL B 164 -4.67 -10.18 -5.70
N ASN B 165 -5.86 -10.69 -5.91
CA ASN B 165 -7.06 -10.04 -5.42
C ASN B 165 -7.68 -10.97 -4.40
N ALA B 166 -7.74 -10.51 -3.15
CA ALA B 166 -8.11 -11.45 -2.09
C ALA B 166 -9.10 -10.84 -1.12
N ILE B 167 -9.90 -11.71 -0.52
CA ILE B 167 -10.84 -11.33 0.54
C ILE B 167 -10.54 -12.10 1.80
N GLN B 168 -10.60 -11.40 2.94
CA GLN B 168 -10.59 -12.04 4.26
C GLN B 168 -11.93 -11.75 4.93
N VAL B 169 -12.55 -12.79 5.51
CA VAL B 169 -13.84 -12.64 6.16
C VAL B 169 -13.64 -12.92 7.65
N LEU B 170 -14.03 -11.96 8.47
CA LEU B 170 -13.92 -12.10 9.92
C LEU B 170 -15.28 -11.95 10.55
N PRO B 171 -15.58 -12.79 11.56
CA PRO B 171 -16.84 -12.67 12.29
C PRO B 171 -16.88 -11.35 13.07
N LYS B 172 -18.04 -10.70 13.05
CA LYS B 172 -18.35 -9.64 14.00
C LYS B 172 -19.54 -10.11 14.83
N THR B 173 -20.02 -9.28 15.74
CA THR B 173 -21.18 -9.66 16.54
C THR B 173 -22.38 -10.06 15.66
N LYS B 174 -22.82 -9.14 14.80
CA LYS B 174 -23.84 -9.46 13.80
C LYS B 174 -23.19 -9.87 12.47
N GLY B 175 -22.90 -11.16 12.34
CA GLY B 175 -22.41 -11.68 11.07
C GLY B 175 -20.95 -11.40 10.83
N SER B 176 -20.65 -10.82 9.67
CA SER B 176 -19.28 -10.77 9.17
C SER B 176 -18.85 -9.42 8.61
N VAL B 177 -17.54 -9.19 8.68
CA VAL B 177 -16.90 -8.10 7.99
C VAL B 177 -15.99 -8.70 6.91
N PHE B 178 -16.05 -8.13 5.72
CA PHE B 178 -15.29 -8.55 4.57
C PHE B 178 -14.22 -7.50 4.34
N TYR B 179 -12.97 -7.94 4.34
CA TYR B 179 -11.82 -7.11 3.99
C TYR B 179 -11.27 -7.53 2.63
N GLY B 180 -10.93 -6.56 1.79
CA GLY B 180 -10.38 -6.88 0.49
C GLY B 180 -9.03 -6.28 0.29
N SER B 181 -8.22 -6.91 -0.55
CA SER B 181 -7.02 -6.26 -1.03
C SER B 181 -6.82 -6.57 -2.50
N THR B 182 -6.52 -5.54 -3.25
CA THR B 182 -5.90 -5.68 -4.57
C THR B 182 -4.39 -5.67 -4.38
N ASP B 183 -3.65 -5.83 -5.45
CA ASP B 183 -2.22 -6.00 -5.34
C ASP B 183 -1.49 -4.71 -5.71
N PRO B 184 -0.61 -4.20 -4.82
CA PRO B 184 0.13 -2.98 -5.11
C PRO B 184 1.06 -3.15 -6.30
N ARG B 185 1.33 -4.40 -6.70
CA ARG B 185 2.16 -4.64 -7.88
C ARG B 185 1.46 -4.27 -9.19
N LYS B 186 0.13 -4.22 -9.13
CA LYS B 186 -0.78 -4.14 -10.29
C LYS B 186 -0.37 -3.13 -11.36
N ILE C 30 -1.39 8.19 -7.11
CA ILE C 30 -1.74 9.65 -7.13
C ILE C 30 -0.78 10.40 -8.05
N LYS C 31 -1.31 10.96 -9.13
CA LYS C 31 -0.51 11.72 -10.10
C LYS C 31 -1.26 12.89 -10.74
N ASN C 32 -0.50 13.90 -11.17
CA ASN C 32 -1.03 15.09 -11.84
C ASN C 32 0.06 15.75 -12.67
N THR C 33 -0.34 16.35 -13.80
CA THR C 33 0.62 16.97 -14.71
C THR C 33 0.24 18.40 -15.08
N LYS C 34 -0.74 18.95 -14.37
CA LYS C 34 -1.37 20.20 -14.78
C LYS C 34 -1.25 21.31 -13.71
N VAL C 35 -1.70 21.00 -12.50
CA VAL C 35 -1.79 22.00 -11.44
C VAL C 35 -0.99 21.59 -10.21
N GLY C 36 -0.49 20.35 -10.22
CA GLY C 36 0.27 19.79 -9.11
C GLY C 36 -0.62 18.99 -8.19
N LEU C 37 -0.18 18.86 -6.93
CA LEU C 37 -0.89 18.03 -5.97
C LEU C 37 -0.96 18.71 -4.63
N ALA C 38 -2.04 18.45 -3.92
CA ALA C 38 -2.24 18.91 -2.56
C ALA C 38 -2.71 17.70 -1.77
N LEU C 39 -1.81 17.17 -0.92
CA LEU C 39 -2.05 15.90 -0.22
C LEU C 39 -2.05 16.06 1.28
N SER C 40 -3.05 15.47 1.91
CA SER C 40 -3.20 15.49 3.37
C SER C 40 -3.70 14.12 3.82
N SER C 41 -3.87 13.99 5.13
CA SER C 41 -4.32 12.75 5.76
C SER C 41 -5.83 12.50 5.75
N HIS C 42 -6.59 13.44 5.21
CA HIS C 42 -8.03 13.26 5.09
C HIS C 42 -8.46 13.62 3.68
N PRO C 43 -9.12 12.67 2.99
CA PRO C 43 -9.48 12.86 1.58
C PRO C 43 -10.34 14.10 1.31
N LEU C 44 -11.21 14.49 2.24
CA LEU C 44 -12.03 15.69 2.05
C LEU C 44 -11.16 16.94 2.01
N ALA C 45 -10.18 17.01 2.91
CA ALA C 45 -9.27 18.16 2.96
C ALA C 45 -8.39 18.22 1.72
N SER C 46 -7.92 17.06 1.31
CA SER C 46 -7.10 16.93 0.10
C SER C 46 -7.84 17.38 -1.14
N GLU C 47 -9.10 16.98 -1.24
CA GLU C 47 -9.96 17.44 -2.34
C GLU C 47 -10.06 18.97 -2.36
N ILE C 48 -10.24 19.56 -1.18
CA ILE C 48 -10.36 21.02 -1.06
C ILE C 48 -9.12 21.76 -1.60
N GLY C 49 -7.93 21.32 -1.21
CA GLY C 49 -6.70 21.94 -1.70
C GLY C 49 -6.49 21.73 -3.19
N GLN C 50 -6.84 20.54 -3.67
CA GLN C 50 -6.69 20.20 -5.08
C GLN C 50 -7.58 21.09 -5.94
N LYS C 51 -8.80 21.34 -5.43
CA LYS C 51 -9.73 22.25 -6.09
C LYS C 51 -9.13 23.65 -6.24
N VAL C 52 -8.47 24.13 -5.19
CA VAL C 52 -7.85 25.45 -5.22
C VAL C 52 -6.78 25.55 -6.33
N LEU C 53 -6.02 24.48 -6.51
CA LEU C 53 -5.05 24.37 -7.61
C LEU C 53 -5.71 24.33 -8.97
N GLU C 54 -6.86 23.63 -9.06
CA GLU C 54 -7.62 23.57 -10.32
C GLU C 54 -8.16 24.93 -10.75
N GLU C 55 -8.55 25.75 -9.77
CA GLU C 55 -9.16 27.05 -10.06
C GLU C 55 -8.14 28.18 -10.24
N GLY C 56 -6.85 27.86 -10.06
CA GLY C 56 -5.76 28.78 -10.35
C GLY C 56 -5.01 29.37 -9.17
N GLY C 57 -5.34 28.91 -7.96
CA GLY C 57 -4.60 29.29 -6.77
C GLY C 57 -3.21 28.69 -6.79
N ASN C 58 -2.29 29.27 -6.00
CA ASN C 58 -0.93 28.74 -5.95
C ASN C 58 -0.80 27.84 -4.73
N ALA C 59 0.36 27.24 -4.55
CA ALA C 59 0.55 26.27 -3.45
C ALA C 59 0.25 26.85 -2.08
N ILE C 60 0.47 28.15 -1.91
CA ILE C 60 0.16 28.83 -0.64
C ILE C 60 -1.35 28.91 -0.44
N ASP C 61 -2.08 29.28 -1.50
CA ASP C 61 -3.54 29.34 -1.46
C ASP C 61 -4.14 28.01 -1.06
N ALA C 62 -3.73 26.95 -1.75
CA ALA C 62 -4.16 25.58 -1.46
C ALA C 62 -3.78 25.12 -0.05
N ALA C 63 -2.56 25.48 0.38
CA ALA C 63 -2.10 25.19 1.74
C ALA C 63 -3.03 25.80 2.79
N VAL C 64 -3.53 27.00 2.52
CA VAL C 64 -4.43 27.69 3.45
C VAL C 64 -5.78 26.97 3.54
N ALA C 65 -6.33 26.59 2.39
CA ALA C 65 -7.63 25.91 2.35
C ALA C 65 -7.58 24.58 3.10
N ILE C 66 -6.49 23.84 2.91
CA ILE C 66 -6.28 22.58 3.64
C ILE C 66 -6.18 22.79 5.14
N GLY C 67 -5.39 23.78 5.55
CA GLY C 67 -5.26 24.10 6.99
C GLY C 67 -6.59 24.27 7.71
N PHE C 68 -7.53 24.95 7.07
CA PHE C 68 -8.85 25.15 7.67
C PHE C 68 -9.74 23.92 7.56
N ALA C 69 -9.65 23.20 6.44
CA ALA C 69 -10.43 21.98 6.24
C ALA C 69 -10.10 20.89 7.26
N LEU C 70 -8.80 20.73 7.54
CA LEU C 70 -8.34 19.73 8.53
C LEU C 70 -8.78 20.11 9.93
N ALA C 71 -8.90 21.42 10.20
CA ALA C 71 -9.43 21.91 11.49
C ALA C 71 -10.84 21.39 11.73
N VAL C 72 -11.54 21.05 10.67
CA VAL C 72 -12.89 20.53 10.78
C VAL C 72 -12.96 18.99 10.72
N VAL C 73 -12.35 18.41 9.70
CA VAL C 73 -12.47 16.97 9.42
C VAL C 73 -11.48 16.05 10.13
N HIS C 74 -10.46 16.62 10.77
CA HIS C 74 -9.42 15.85 11.44
C HIS C 74 -9.10 16.50 12.80
N PRO C 75 -10.12 16.58 13.68
CA PRO C 75 -9.91 17.33 14.92
C PRO C 75 -8.87 16.74 15.89
N ALA C 76 -8.42 15.51 15.69
CA ALA C 76 -7.37 14.98 16.55
C ALA C 76 -6.06 15.74 16.39
N ALA C 77 -5.86 16.36 15.22
CA ALA C 77 -4.58 16.99 14.86
C ALA C 77 -4.74 18.26 14.02
N GLY C 78 -5.59 18.20 12.99
CA GLY C 78 -5.98 19.41 12.24
C GLY C 78 -6.65 20.32 13.24
N ASN C 79 -6.44 21.63 13.11
CA ASN C 79 -6.82 22.52 14.22
C ASN C 79 -6.88 23.97 13.84
N ILE C 80 -7.58 24.73 14.68
CA ILE C 80 -7.33 26.17 14.83
C ILE C 80 -6.78 26.53 16.22
N GLY C 81 -6.82 25.57 17.14
CA GLY C 81 -6.36 25.85 18.51
C GLY C 81 -4.91 25.48 18.81
N GLY C 82 -4.12 25.18 17.78
CA GLY C 82 -2.72 24.81 17.95
C GLY C 82 -1.83 25.69 17.12
N GLY C 83 -0.85 25.06 16.47
CA GLY C 83 0.14 25.79 15.70
C GLY C 83 0.99 24.87 14.89
N GLY C 84 1.99 25.44 14.22
CA GLY C 84 2.82 24.67 13.31
C GLY C 84 3.82 25.50 12.53
N PHE C 85 4.31 24.89 11.46
CA PHE C 85 5.34 25.49 10.60
C PHE C 85 4.99 25.21 9.16
N ALA C 86 5.36 26.16 8.31
CA ALA C 86 5.37 26.01 6.87
C ALA C 86 6.77 26.27 6.34
N VAL C 87 7.26 25.35 5.52
CA VAL C 87 8.50 25.54 4.79
C VAL C 87 8.07 25.71 3.36
N ILE C 88 8.58 26.79 2.75
CA ILE C 88 8.14 27.23 1.45
C ILE C 88 9.33 27.43 0.52
N HIS C 89 9.24 26.83 -0.65
CA HIS C 89 10.16 27.10 -1.74
C HIS C 89 9.42 27.86 -2.81
N LEU C 90 9.98 28.99 -3.23
CA LEU C 90 9.27 29.90 -4.15
C LEU C 90 9.73 29.70 -5.56
N ALA C 91 8.87 30.04 -6.52
CA ALA C 91 9.18 29.91 -7.94
C ALA C 91 10.44 30.67 -8.33
N ASN C 92 10.72 31.77 -7.63
CA ASN C 92 11.91 32.59 -7.90
C ASN C 92 13.20 32.02 -7.31
N GLY C 93 13.08 30.87 -6.64
CA GLY C 93 14.22 30.18 -6.06
C GLY C 93 14.45 30.38 -4.56
N GLU C 94 13.72 31.31 -3.95
CA GLU C 94 13.94 31.64 -2.55
C GLU C 94 13.25 30.62 -1.64
N ASN C 95 13.85 30.39 -0.46
CA ASN C 95 13.26 29.56 0.59
C ASN C 95 12.96 30.40 1.81
N VAL C 96 11.84 30.11 2.45
CA VAL C 96 11.46 30.85 3.64
C VAL C 96 10.74 29.89 4.56
N ALA C 97 10.76 30.17 5.85
CA ALA C 97 10.07 29.34 6.82
C ALA C 97 9.09 30.23 7.57
N LEU C 98 7.88 29.73 7.75
CA LEU C 98 6.91 30.43 8.60
C LEU C 98 6.77 29.71 9.92
N ASP C 99 7.03 30.43 10.98
CA ASP C 99 6.88 29.93 12.31
C ASP C 99 5.55 30.44 12.83
N PHE C 100 4.58 29.54 12.94
CA PHE C 100 3.32 29.85 13.63
C PHE C 100 3.09 28.90 14.80
N ARG C 101 4.20 28.62 15.47
CA ARG C 101 4.23 27.81 16.67
C ARG C 101 3.59 28.57 17.81
N GLU C 102 2.92 27.84 18.70
CA GLU C 102 2.31 28.46 19.88
C GLU C 102 3.37 29.10 20.77
N LYS C 103 2.96 30.15 21.51
CA LYS C 103 3.81 30.81 22.48
C LYS C 103 3.35 30.46 23.89
N ALA C 104 4.30 30.30 24.80
CA ALA C 104 3.95 30.25 26.20
C ALA C 104 3.25 31.58 26.52
N PRO C 105 2.16 31.53 27.30
CA PRO C 105 1.43 32.72 27.69
C PRO C 105 2.31 33.78 28.36
N LEU C 106 1.83 35.02 28.33
CA LEU C 106 2.54 36.14 28.93
C LEU C 106 2.89 35.91 30.40
N LYS C 107 2.07 35.11 31.08
CA LYS C 107 2.19 34.88 32.51
C LYS C 107 2.81 33.51 32.85
N ALA C 108 3.29 32.83 31.83
CA ALA C 108 3.95 31.53 32.03
C ALA C 108 5.25 31.69 32.82
N THR C 109 5.60 30.67 33.60
CA THR C 109 6.85 30.69 34.36
C THR C 109 7.55 29.33 34.32
N LYS C 110 8.86 29.34 34.54
CA LYS C 110 9.71 28.17 34.45
C LYS C 110 9.14 26.97 35.20
N ASN C 111 8.68 27.20 36.42
CA ASN C 111 8.25 26.10 37.28
C ASN C 111 6.73 25.96 37.42
N MET C 112 5.99 26.51 36.44
CA MET C 112 4.53 26.55 36.52
C MET C 112 3.84 25.18 36.64
N PHE C 113 4.55 24.12 36.26
CA PHE C 113 3.97 22.77 36.29
C PHE C 113 4.46 21.93 37.46
N LEU C 114 5.17 22.57 38.39
CA LEU C 114 5.71 21.89 39.57
C LEU C 114 4.96 22.18 40.85
N ASP C 115 5.05 21.23 41.78
CA ASP C 115 4.47 21.39 43.10
C ASP C 115 5.47 22.08 44.05
N LYS C 116 5.09 22.26 45.30
CA LYS C 116 5.93 22.98 46.25
C LYS C 116 7.21 22.23 46.61
N GLN C 117 7.24 20.93 46.33
CA GLN C 117 8.41 20.08 46.54
C GLN C 117 9.32 20.11 45.31
N GLY C 118 8.86 20.72 44.22
CA GLY C 118 9.64 20.81 42.98
C GLY C 118 9.42 19.62 42.06
N ASN C 119 8.36 18.86 42.31
CA ASN C 119 8.03 17.72 41.48
C ASN C 119 6.88 18.00 40.53
N VAL C 120 6.90 17.34 39.38
CA VAL C 120 5.87 17.54 38.35
C VAL C 120 4.46 17.29 38.94
N VAL C 121 3.53 18.21 38.65
CA VAL C 121 2.12 17.99 39.01
C VAL C 121 1.52 17.13 37.88
N PRO C 122 1.16 15.88 38.20
CA PRO C 122 0.75 15.00 37.10
C PRO C 122 -0.36 15.58 36.23
N LYS C 123 -0.18 15.46 34.92
CA LYS C 123 -1.16 15.87 33.89
C LYS C 123 -1.41 17.38 33.75
N LEU C 124 -0.75 18.20 34.55
CA LEU C 124 -0.99 19.64 34.46
C LEU C 124 -0.52 20.16 33.10
N SER C 125 0.55 19.57 32.56
CA SER C 125 1.11 20.02 31.27
C SER C 125 0.46 19.38 30.06
N GLU C 126 -0.45 18.44 30.30
CA GLU C 126 -1.03 17.62 29.24
C GLU C 126 -2.54 17.77 29.08
N ASP C 127 -3.26 17.86 30.18
CA ASP C 127 -4.72 17.94 30.14
C ASP C 127 -5.22 19.28 30.65
N GLY C 128 -6.15 19.87 29.92
CA GLY C 128 -6.82 21.09 30.38
C GLY C 128 -6.27 22.41 29.86
N TYR C 129 -6.69 23.48 30.51
CA TYR C 129 -6.51 24.82 29.98
C TYR C 129 -5.12 25.38 30.21
N LEU C 130 -4.47 24.98 31.30
CA LEU C 130 -3.08 25.42 31.55
C LEU C 130 -2.02 24.74 30.62
N ALA C 131 -2.39 23.60 30.02
CA ALA C 131 -1.54 22.88 29.08
C ALA C 131 -1.37 23.60 27.75
N ALA C 132 -2.18 24.62 27.52
CA ALA C 132 -2.24 25.27 26.21
C ALA C 132 -1.27 26.44 26.04
N GLY C 133 -0.56 26.46 24.91
CA GLY C 133 0.16 27.65 24.47
C GLY C 133 -0.82 28.49 23.66
N VAL C 134 -0.43 29.74 23.37
CA VAL C 134 -1.27 30.63 22.58
C VAL C 134 -1.34 30.16 21.12
N PRO C 135 -2.54 29.84 20.61
CA PRO C 135 -2.65 29.32 19.26
C PRO C 135 -2.07 30.20 18.17
N GLY C 136 -1.34 29.55 17.26
CA GLY C 136 -0.75 30.21 16.11
C GLY C 136 -1.37 29.91 14.75
N THR C 137 -2.12 28.82 14.64
CA THR C 137 -2.62 28.37 13.33
C THR C 137 -3.33 29.43 12.49
N VAL C 138 -4.27 30.15 13.10
CA VAL C 138 -5.03 31.12 12.34
C VAL C 138 -4.13 32.25 11.87
N ALA C 139 -3.24 32.73 12.74
CA ALA C 139 -2.33 33.83 12.36
C ALA C 139 -1.40 33.36 11.27
N GLY C 140 -0.98 32.09 11.36
CA GLY C 140 -0.10 31.52 10.34
C GLY C 140 -0.73 31.37 8.96
N MET C 141 -1.97 30.89 8.91
CA MET C 141 -2.69 30.77 7.64
C MET C 141 -2.79 32.13 6.95
N GLU C 142 -3.15 33.16 7.73
CA GLU C 142 -3.29 34.51 7.19
C GLU C 142 -1.96 35.07 6.72
N ALA C 143 -0.92 34.88 7.53
CA ALA C 143 0.40 35.45 7.23
C ALA C 143 0.95 34.95 5.91
N MET C 144 0.89 33.64 5.70
CA MET C 144 1.38 33.11 4.44
C MET C 144 0.51 33.52 3.25
N LEU C 145 -0.81 33.56 3.44
CA LEU C 145 -1.71 34.06 2.40
C LEU C 145 -1.41 35.52 2.01
N LYS C 146 -1.29 36.39 3.01
CA LYS C 146 -1.00 37.80 2.76
C LYS C 146 0.29 37.98 1.95
N LYS C 147 1.34 37.27 2.36
CA LYS C 147 2.66 37.48 1.77
C LYS C 147 2.83 36.79 0.41
N TYR C 148 2.27 35.60 0.26
CA TYR C 148 2.60 34.74 -0.90
C TYR C 148 1.42 34.14 -1.66
N GLY C 149 0.21 34.29 -1.11
CA GLY C 149 -0.99 33.73 -1.76
C GLY C 149 -1.48 34.63 -2.89
N THR C 150 -2.50 34.16 -3.60
CA THR C 150 -3.12 34.99 -4.66
C THR C 150 -4.64 35.13 -4.46
N LYS C 151 -5.22 34.30 -3.61
CA LYS C 151 -6.67 34.30 -3.41
C LYS C 151 -7.09 34.96 -2.09
N LYS C 152 -8.39 35.24 -1.96
CA LYS C 152 -8.92 35.89 -0.76
C LYS C 152 -9.32 34.85 0.26
N LEU C 153 -9.00 35.11 1.53
CA LEU C 153 -9.35 34.23 2.66
C LEU C 153 -10.82 33.80 2.64
N SER C 154 -11.72 34.71 2.26
CA SER C 154 -13.15 34.40 2.15
C SER C 154 -13.47 33.20 1.23
N GLN C 155 -12.69 33.08 0.14
CA GLN C 155 -12.89 32.00 -0.83
C GLN C 155 -12.32 30.68 -0.30
N LEU C 156 -11.19 30.76 0.37
CA LEU C 156 -10.43 29.57 0.75
C LEU C 156 -11.02 28.91 2.00
N ILE C 157 -11.77 29.68 2.77
CA ILE C 157 -12.31 29.18 4.04
C ILE C 157 -13.73 28.59 3.90
N ASP C 158 -14.43 28.94 2.81
CA ASP C 158 -15.80 28.48 2.59
C ASP C 158 -15.99 26.95 2.70
N PRO C 159 -15.14 26.15 2.02
CA PRO C 159 -15.31 24.69 2.11
C PRO C 159 -15.24 24.13 3.53
N ALA C 160 -14.32 24.67 4.35
CA ALA C 160 -14.23 24.32 5.76
C ALA C 160 -15.53 24.64 6.50
N ILE C 161 -16.04 25.85 6.31
CA ILE C 161 -17.27 26.28 6.96
C ILE C 161 -18.42 25.35 6.58
N LYS C 162 -18.47 24.98 5.30
CA LYS C 162 -19.49 24.07 4.79
C LYS C 162 -19.44 22.72 5.52
N LEU C 163 -18.23 22.17 5.65
CA LEU C 163 -18.06 20.90 6.36
C LEU C 163 -18.47 20.99 7.83
N ALA C 164 -18.15 22.12 8.46
CA ALA C 164 -18.53 22.34 9.85
C ALA C 164 -20.05 22.42 9.98
N GLU C 165 -20.67 23.19 9.09
CA GLU C 165 -22.10 23.49 9.18
C GLU C 165 -22.99 22.32 8.82
N ASN C 166 -22.61 21.60 7.78
CA ASN C 166 -23.41 20.49 7.25
C ASN C 166 -22.96 19.14 7.76
N GLY C 167 -21.69 19.06 8.16
CA GLY C 167 -21.17 17.85 8.80
C GLY C 167 -20.49 16.88 7.85
N TYR C 168 -19.94 15.81 8.42
CA TYR C 168 -19.29 14.75 7.64
C TYR C 168 -19.38 13.44 8.40
N ALA C 169 -19.15 12.32 7.70
CA ALA C 169 -19.25 11.00 8.32
C ALA C 169 -18.00 10.66 9.15
N ILE C 170 -18.22 10.20 10.38
CA ILE C 170 -17.13 9.73 11.23
C ILE C 170 -16.53 8.46 10.61
N SER C 171 -15.20 8.43 10.48
CA SER C 171 -14.51 7.27 9.91
C SER C 171 -14.26 6.18 10.95
N GLN C 172 -13.90 4.98 10.49
CA GLN C 172 -13.59 3.88 11.41
C GLN C 172 -12.50 4.28 12.40
N ARG C 173 -11.44 4.90 11.87
CA ARG C 173 -10.30 5.32 12.67
C ARG C 173 -10.67 6.43 13.63
N GLN C 174 -11.48 7.39 13.17
CA GLN C 174 -11.92 8.49 14.03
C GLN C 174 -12.75 8.00 15.21
N ALA C 175 -13.64 7.03 14.95
CA ALA C 175 -14.39 6.40 16.03
C ALA C 175 -13.45 5.83 17.08
N GLU C 176 -12.39 5.14 16.63
CA GLU C 176 -11.36 4.56 17.50
C GLU C 176 -10.61 5.62 18.33
N THR C 177 -10.13 6.68 17.68
CA THR C 177 -9.42 7.74 18.42
C THR C 177 -10.31 8.53 19.40
N LEU C 178 -11.56 8.79 19.00
CA LEU C 178 -12.53 9.44 19.90
C LEU C 178 -12.77 8.60 21.15
N LYS C 179 -12.97 7.30 20.97
CA LYS C 179 -13.16 6.41 22.09
C LYS C 179 -11.95 6.41 23.04
N GLU C 180 -10.75 6.44 22.47
CA GLU C 180 -9.53 6.46 23.26
C GLU C 180 -9.39 7.72 24.10
N ALA C 181 -9.90 8.83 23.57
CA ALA C 181 -9.88 10.12 24.23
C ALA C 181 -11.02 10.35 25.23
N ARG C 182 -11.96 9.40 25.31
CA ARG C 182 -13.19 9.58 26.06
C ARG C 182 -12.98 10.14 27.47
N GLU C 183 -12.13 9.47 28.25
CA GLU C 183 -11.88 9.85 29.65
C GLU C 183 -11.27 11.22 29.79
N ARG C 184 -10.58 11.68 28.74
CA ARG C 184 -9.99 13.00 28.77
C ARG C 184 -11.06 14.07 28.50
N PHE C 185 -11.92 13.81 27.50
CA PHE C 185 -13.03 14.75 27.16
C PHE C 185 -13.97 14.92 28.36
N LEU C 186 -14.25 13.82 29.04
CA LEU C 186 -15.24 13.81 30.14
C LEU C 186 -14.90 14.79 31.27
N LYS C 187 -13.65 15.22 31.34
CA LYS C 187 -13.22 16.18 32.36
C LYS C 187 -13.70 17.60 32.09
N TYR C 188 -14.02 17.89 30.84
CA TYR C 188 -14.33 19.26 30.40
C TYR C 188 -15.72 19.31 29.80
N SER C 189 -16.57 20.12 30.44
CA SER C 189 -17.94 20.36 30.00
C SER C 189 -18.01 20.76 28.52
N SER C 190 -17.09 21.62 28.07
CA SER C 190 -17.06 22.04 26.67
C SER C 190 -16.88 20.86 25.72
N SER C 191 -15.88 20.04 26.02
CA SER C 191 -15.62 18.84 25.22
C SER C 191 -16.70 17.78 25.26
N LYS C 192 -17.36 17.62 26.40
CA LYS C 192 -18.46 16.66 26.51
C LYS C 192 -19.63 17.05 25.62
N LYS C 193 -19.80 18.35 25.42
CA LYS C 193 -20.79 18.87 24.49
C LYS C 193 -20.40 18.62 23.04
N TYR C 194 -19.17 18.95 22.69
CA TYR C 194 -18.75 18.91 21.29
C TYR C 194 -18.42 17.53 20.70
N PHE C 195 -17.84 16.65 21.52
CA PHE C 195 -17.27 15.41 20.99
C PHE C 195 -18.00 14.13 21.37
N PHE C 196 -19.15 14.29 22.03
CA PHE C 196 -20.09 13.19 22.24
C PHE C 196 -21.46 13.51 21.65
N LYS C 197 -22.22 12.46 21.39
CA LYS C 197 -23.64 12.59 21.07
C LYS C 197 -24.41 12.71 22.38
N LYS C 198 -25.65 13.20 22.29
CA LYS C 198 -26.51 13.36 23.46
C LYS C 198 -26.44 12.16 24.40
N GLY C 199 -26.23 12.42 25.69
CA GLY C 199 -26.09 11.35 26.68
C GLY C 199 -24.64 10.97 26.91
N HIS C 200 -23.75 11.79 26.36
CA HIS C 200 -22.29 11.58 26.40
C HIS C 200 -21.93 10.26 25.74
N LEU C 201 -22.52 10.00 24.58
CA LEU C 201 -22.28 8.75 23.86
C LEU C 201 -21.19 8.93 22.81
N ASP C 202 -20.37 7.90 22.63
CA ASP C 202 -19.28 7.95 21.66
C ASP C 202 -19.83 8.02 20.24
N TYR C 203 -19.21 8.86 19.40
CA TYR C 203 -19.49 8.84 17.98
C TYR C 203 -19.08 7.50 17.37
N GLN C 204 -19.89 6.99 16.45
CA GLN C 204 -19.60 5.71 15.81
C GLN C 204 -19.29 5.94 14.35
N GLU C 205 -18.54 5.01 13.76
CA GLU C 205 -18.24 5.04 12.33
C GLU C 205 -19.54 5.24 11.53
N GLY C 206 -19.51 6.19 10.59
CA GLY C 206 -20.68 6.51 9.79
C GLY C 206 -21.55 7.66 10.31
N ASP C 207 -21.49 7.92 11.62
CA ASP C 207 -22.32 8.98 12.23
C ASP C 207 -22.01 10.34 11.60
N LEU C 208 -23.05 11.16 11.44
CA LEU C 208 -22.84 12.51 10.93
C LEU C 208 -22.34 13.38 12.08
N PHE C 209 -21.23 14.05 11.83
CA PHE C 209 -20.60 14.95 12.80
C PHE C 209 -20.66 16.39 12.31
N VAL C 210 -21.44 17.19 13.03
CA VAL C 210 -21.75 18.58 12.73
C VAL C 210 -21.17 19.43 13.86
N GLN C 211 -20.50 20.53 13.49
CA GLN C 211 -19.81 21.41 14.43
C GLN C 211 -20.18 22.87 14.17
N LYS C 212 -21.31 23.29 14.71
CA LYS C 212 -21.84 24.63 14.46
C LYS C 212 -21.09 25.75 15.17
N ASP C 213 -20.70 25.54 16.42
CA ASP C 213 -19.85 26.53 17.10
C ASP C 213 -18.54 26.77 16.35
N LEU C 214 -17.93 25.68 15.84
CA LEU C 214 -16.72 25.80 15.02
C LEU C 214 -16.98 26.61 13.77
N ALA C 215 -18.12 26.34 13.13
CA ALA C 215 -18.57 27.09 11.94
C ALA C 215 -18.74 28.58 12.25
N LYS C 216 -19.27 28.89 13.42
CA LYS C 216 -19.40 30.26 13.89
C LYS C 216 -18.01 30.92 13.98
N THR C 217 -17.07 30.25 14.66
CA THR C 217 -15.69 30.75 14.77
C THR C 217 -15.06 30.96 13.41
N LEU C 218 -15.18 29.97 12.53
CA LEU C 218 -14.66 30.08 11.16
C LEU C 218 -15.29 31.23 10.36
N ASN C 219 -16.60 31.44 10.51
CA ASN C 219 -17.26 32.60 9.89
C ASN C 219 -16.68 33.95 10.33
N GLN C 220 -16.29 34.04 11.60
CA GLN C 220 -15.67 35.24 12.13
C GLN C 220 -14.31 35.52 11.47
N ILE C 221 -13.53 34.46 11.26
CA ILE C 221 -12.28 34.56 10.52
C ILE C 221 -12.53 34.89 9.05
N LYS C 222 -13.58 34.31 8.48
CA LYS C 222 -13.96 34.63 7.09
C LYS C 222 -14.17 36.14 6.92
N THR C 223 -14.93 36.74 7.83
CA THR C 223 -15.29 38.15 7.76
C THR C 223 -14.12 39.09 8.12
N LEU C 224 -13.40 38.77 9.19
CA LEU C 224 -12.46 39.71 9.80
C LEU C 224 -11.00 39.26 9.70
N GLY C 225 -10.76 38.08 9.13
CA GLY C 225 -9.41 37.54 9.05
C GLY C 225 -8.95 37.06 10.39
N ALA C 226 -7.63 37.12 10.62
CA ALA C 226 -7.04 36.66 11.90
C ALA C 226 -7.63 37.40 13.10
N LYS C 227 -7.93 38.69 12.93
CA LYS C 227 -8.56 39.48 13.97
C LYS C 227 -9.87 38.86 14.46
N GLY C 228 -10.50 38.04 13.61
CA GLY C 228 -11.71 37.30 13.99
C GLY C 228 -11.50 36.18 15.01
N PHE C 229 -10.25 35.79 15.21
CA PHE C 229 -9.88 34.80 16.21
C PHE C 229 -9.20 35.47 17.39
N TYR C 230 -8.29 36.40 17.10
CA TYR C 230 -7.42 36.98 18.14
C TYR C 230 -7.97 38.21 18.84
N GLN C 231 -9.08 38.73 18.32
CA GLN C 231 -9.78 39.88 18.91
C GLN C 231 -11.28 39.63 18.92
N GLY C 232 -12.03 40.56 19.53
CA GLY C 232 -13.48 40.53 19.44
C GLY C 232 -14.12 39.34 20.15
N GLN C 233 -15.25 38.89 19.60
CA GLN C 233 -16.10 37.90 20.30
C GLN C 233 -15.39 36.60 20.59
N VAL C 234 -14.63 36.09 19.62
CA VAL C 234 -13.91 34.82 19.87
C VAL C 234 -12.84 34.99 20.94
N ALA C 235 -12.12 36.10 20.92
CA ALA C 235 -11.08 36.32 21.92
C ALA C 235 -11.72 36.36 23.32
N GLU C 236 -12.89 36.99 23.40
CA GLU C 236 -13.66 37.05 24.64
C GLU C 236 -14.01 35.66 25.11
N LEU C 237 -14.43 34.80 24.16
CA LEU C 237 -14.81 33.43 24.50
C LEU C 237 -13.62 32.67 25.04
N ILE C 238 -12.47 32.87 24.40
CA ILE C 238 -11.23 32.24 24.85
C ILE C 238 -10.84 32.72 26.26
N GLU C 239 -10.84 34.04 26.49
CA GLU C 239 -10.48 34.57 27.81
C GLU C 239 -11.43 34.10 28.90
N LYS C 240 -12.72 34.14 28.61
CA LYS C 240 -13.76 33.70 29.55
C LYS C 240 -13.55 32.24 29.96
N ASP C 241 -13.36 31.36 28.97
CA ASP C 241 -13.26 29.95 29.29
C ASP C 241 -11.97 29.61 30.04
N MET C 242 -10.90 30.31 29.69
CA MET C 242 -9.65 30.21 30.44
C MET C 242 -9.85 30.59 31.91
N LYS C 243 -10.45 31.74 32.18
CA LYS C 243 -10.63 32.20 33.55
C LYS C 243 -11.54 31.26 34.33
N LYS C 244 -12.48 30.63 33.65
CA LYS C 244 -13.43 29.69 34.24
C LYS C 244 -12.76 28.38 34.62
N ASN C 245 -11.69 28.02 33.89
CA ASN C 245 -11.09 26.70 34.05
C ASN C 245 -9.60 26.65 34.41
N GLY C 246 -9.10 27.73 35.01
CA GLY C 246 -7.73 27.78 35.50
C GLY C 246 -6.64 27.89 34.44
N GLY C 247 -7.01 28.38 33.27
CA GLY C 247 -6.01 28.75 32.27
C GLY C 247 -5.52 30.18 32.49
N ILE C 248 -4.40 30.52 31.85
CA ILE C 248 -3.79 31.86 32.04
C ILE C 248 -3.77 32.71 30.78
N ILE C 249 -4.29 32.16 29.69
CA ILE C 249 -4.39 32.91 28.44
C ILE C 249 -5.54 33.91 28.54
N THR C 250 -5.24 35.15 28.18
CA THR C 250 -6.25 36.23 28.16
C THR C 250 -6.28 36.88 26.77
N LYS C 251 -7.12 37.91 26.61
CA LYS C 251 -7.21 38.66 25.38
C LYS C 251 -5.86 39.30 25.06
N GLU C 252 -5.09 39.63 26.10
CA GLU C 252 -3.77 40.19 25.92
C GLU C 252 -2.79 39.25 25.23
N ASP C 253 -2.80 37.98 25.64
CA ASP C 253 -1.96 36.97 24.99
C ASP C 253 -2.32 36.84 23.51
N LEU C 254 -3.62 36.81 23.23
CA LEU C 254 -4.10 36.71 21.85
C LEU C 254 -3.69 37.90 21.01
N ALA C 255 -3.88 39.11 21.54
CA ALA C 255 -3.47 40.36 20.88
C ALA C 255 -1.96 40.37 20.62
N SER C 256 -1.19 39.72 21.50
CA SER C 256 0.26 39.71 21.43
C SER C 256 0.81 38.57 20.53
N TYR C 257 -0.04 37.62 20.12
CA TYR C 257 0.45 36.53 19.27
C TYR C 257 1.05 37.06 17.96
N ASN C 258 2.23 36.55 17.64
CA ASN C 258 2.90 36.88 16.40
C ASN C 258 3.51 35.66 15.71
N VAL C 259 3.35 35.62 14.40
CA VAL C 259 4.14 34.69 13.60
C VAL C 259 5.56 35.26 13.44
N LYS C 260 6.48 34.41 13.02
CA LYS C 260 7.81 34.88 12.63
C LYS C 260 8.24 34.25 11.33
N TRP C 261 8.68 35.08 10.40
CA TRP C 261 9.31 34.58 9.19
C TRP C 261 10.77 34.34 9.49
N ARG C 262 11.23 33.13 9.20
CA ARG C 262 12.61 32.78 9.49
C ARG C 262 13.26 32.12 8.29
N LYS C 263 14.58 32.04 8.33
CA LYS C 263 15.34 31.29 7.32
C LYS C 263 15.19 29.85 7.67
N PRO C 264 14.87 29.01 6.68
CA PRO C 264 14.89 27.58 6.95
C PRO C 264 16.32 27.12 7.19
N VAL C 265 16.48 25.94 7.78
CA VAL C 265 17.81 25.35 7.83
C VAL C 265 18.01 24.63 6.52
N VAL C 266 19.21 24.75 5.98
CA VAL C 266 19.52 24.16 4.68
C VAL C 266 20.77 23.32 4.77
N GLY C 267 20.76 22.22 4.02
CA GLY C 267 21.92 21.35 3.92
C GLY C 267 21.89 20.61 2.60
N SER C 268 22.75 19.62 2.48
CA SER C 268 22.80 18.81 1.28
C SER C 268 22.99 17.36 1.64
N TYR C 269 22.49 16.48 0.77
CA TYR C 269 22.71 15.05 0.92
C TYR C 269 22.89 14.45 -0.47
N ARG C 270 24.10 13.99 -0.75
CA ARG C 270 24.44 13.34 -2.04
C ARG C 270 23.98 14.14 -3.27
N GLY C 271 24.20 15.45 -3.23
CA GLY C 271 23.89 16.34 -4.34
C GLY C 271 22.52 16.99 -4.28
N TYR C 272 21.67 16.51 -3.36
CA TYR C 272 20.31 17.06 -3.21
C TYR C 272 20.32 18.13 -2.13
N LYS C 273 19.59 19.23 -2.36
CA LYS C 273 19.45 20.28 -1.35
C LYS C 273 18.29 19.98 -0.40
N ILE C 274 18.56 20.04 0.90
CA ILE C 274 17.56 19.80 1.93
C ILE C 274 17.15 21.14 2.54
N ILE C 275 15.85 21.44 2.53
CA ILE C 275 15.32 22.66 3.11
C ILE C 275 14.33 22.23 4.19
N SER C 276 14.57 22.63 5.43
CA SER C 276 13.71 22.18 6.50
C SER C 276 13.51 23.24 7.59
N MET C 277 12.75 22.88 8.61
CA MET C 277 12.37 23.85 9.63
C MET C 277 13.47 24.11 10.67
N SER C 278 13.79 25.39 10.82
CA SER C 278 14.74 25.90 11.80
C SER C 278 14.13 26.06 13.20
N PRO C 279 14.95 26.41 14.20
CA PRO C 279 14.34 26.72 15.51
C PRO C 279 13.18 27.73 15.38
N PRO C 280 12.11 27.56 16.17
CA PRO C 280 11.95 26.68 17.33
C PRO C 280 11.60 25.21 17.07
N SER C 281 11.72 24.73 15.84
CA SER C 281 11.78 23.28 15.64
C SER C 281 13.23 22.79 15.72
N SER C 282 13.40 21.61 16.30
CA SER C 282 14.69 20.90 16.25
C SER C 282 14.74 20.04 15.01
N GLY C 283 13.58 19.87 14.37
CA GLY C 283 13.43 18.89 13.29
C GLY C 283 14.39 19.01 12.13
N GLY C 284 14.43 20.18 11.50
CA GLY C 284 15.30 20.39 10.33
C GLY C 284 16.76 20.21 10.63
N THR C 285 17.19 20.72 11.78
CA THR C 285 18.59 20.65 12.19
C THR C 285 19.08 19.22 12.40
N HIS C 286 18.36 18.43 13.17
CA HIS C 286 18.76 17.05 13.37
C HIS C 286 18.55 16.18 12.13
N LEU C 287 17.54 16.46 11.33
CA LEU C 287 17.36 15.76 10.05
C LEU C 287 18.63 15.93 9.19
N ILE C 288 19.06 17.18 9.03
CA ILE C 288 20.27 17.47 8.27
C ILE C 288 21.53 16.86 8.92
N GLN C 289 21.64 16.99 10.24
CA GLN C 289 22.77 16.43 10.97
C GLN C 289 22.86 14.90 10.77
N ILE C 290 21.74 14.21 10.95
CA ILE C 290 21.72 12.74 10.81
C ILE C 290 22.07 12.31 9.37
N LEU C 291 21.49 12.98 8.38
CA LEU C 291 21.85 12.70 6.98
C LEU C 291 23.30 13.00 6.71
N ASN C 292 23.81 14.08 7.30
CA ASN C 292 25.23 14.38 7.20
C ASN C 292 26.12 13.23 7.68
N VAL C 293 25.78 12.63 8.81
CA VAL C 293 26.53 11.47 9.30
C VAL C 293 26.44 10.31 8.29
N MET C 294 25.21 9.97 7.92
CA MET C 294 24.97 8.87 6.99
C MET C 294 25.68 9.07 5.65
N GLU C 295 25.93 10.32 5.28
CA GLU C 295 26.56 10.63 3.99
C GLU C 295 27.97 10.03 3.89
N ASN C 296 28.57 9.74 5.04
CA ASN C 296 29.93 9.18 5.10
C ASN C 296 30.01 7.67 4.80
N ALA C 297 28.86 7.01 4.73
CA ALA C 297 28.78 5.62 4.29
C ALA C 297 28.13 5.56 2.91
N ASP C 298 28.48 4.54 2.11
CA ASP C 298 27.78 4.29 0.87
C ASP C 298 26.64 3.33 1.18
N LEU C 299 25.52 3.90 1.58
CA LEU C 299 24.36 3.08 1.97
C LEU C 299 23.84 2.28 0.78
N SER C 300 23.95 2.86 -0.40
CA SER C 300 23.43 2.22 -1.60
C SER C 300 24.05 0.85 -1.85
N ALA C 301 25.31 0.66 -1.42
CA ALA C 301 26.01 -0.60 -1.64
C ALA C 301 25.27 -1.81 -1.12
N LEU C 302 24.76 -1.71 0.12
CA LEU C 302 24.08 -2.84 0.74
C LEU C 302 22.56 -2.78 0.61
N GLY C 303 22.04 -1.58 0.31
CA GLY C 303 20.62 -1.44 0.01
C GLY C 303 19.71 -1.36 1.23
N TYR C 304 18.42 -1.18 0.96
CA TYR C 304 17.44 -0.99 2.01
C TYR C 304 17.47 -2.09 3.07
N GLY C 305 17.44 -1.70 4.33
CA GLY C 305 17.16 -2.69 5.37
C GLY C 305 18.35 -3.52 5.82
N ALA C 306 19.53 -3.24 5.27
CA ALA C 306 20.76 -3.92 5.74
C ALA C 306 21.12 -3.50 7.16
N SER C 307 21.45 -4.46 8.03
CA SER C 307 21.81 -4.10 9.42
C SER C 307 22.98 -3.11 9.49
N LYS C 308 23.95 -3.24 8.60
CA LYS C 308 25.08 -2.30 8.61
C LYS C 308 24.62 -0.85 8.40
N ASN C 309 23.62 -0.68 7.52
CA ASN C 309 23.07 0.64 7.19
C ASN C 309 22.23 1.20 8.33
N ILE C 310 21.39 0.33 8.87
CA ILE C 310 20.56 0.66 10.02
C ILE C 310 21.45 1.12 11.18
N HIS C 311 22.59 0.47 11.38
CA HIS C 311 23.51 0.81 12.48
C HIS C 311 24.08 2.22 12.35
N ILE C 312 24.54 2.56 11.15
CA ILE C 312 25.10 3.89 10.93
C ILE C 312 24.00 4.91 11.24
N ALA C 313 22.82 4.70 10.69
CA ALA C 313 21.72 5.66 10.89
C ALA C 313 21.35 5.78 12.37
N ALA C 314 21.20 4.64 13.05
CA ALA C 314 20.75 4.62 14.44
C ALA C 314 21.76 5.23 15.38
N GLU C 315 23.02 4.99 15.12
CA GLU C 315 24.03 5.65 15.97
C GLU C 315 24.08 7.17 15.71
N ALA C 316 23.85 7.58 14.46
CA ALA C 316 23.74 8.99 14.11
C ALA C 316 22.56 9.62 14.86
N MET C 317 21.42 8.95 14.83
CA MET C 317 20.24 9.35 15.59
C MET C 317 20.51 9.48 17.09
N ARG C 318 21.18 8.50 17.66
CA ARG C 318 21.50 8.51 19.08
C ARG C 318 22.25 9.79 19.49
N GLN C 319 23.29 10.12 18.74
CA GLN C 319 24.05 11.35 19.06
C GLN C 319 23.19 12.59 18.87
N ALA C 320 22.41 12.61 17.79
CA ALA C 320 21.56 13.77 17.50
C ALA C 320 20.54 14.06 18.59
N TYR C 321 19.85 13.04 19.08
CA TYR C 321 18.90 13.24 20.17
C TYR C 321 19.55 13.57 21.52
N ALA C 322 20.74 13.05 21.77
CA ALA C 322 21.51 13.54 22.91
C ALA C 322 21.80 15.04 22.74
N ASP C 323 22.26 15.43 21.56
CA ASP C 323 22.55 16.84 21.31
C ASP C 323 21.31 17.70 21.53
N ARG C 324 20.18 17.20 21.01
CA ARG C 324 18.88 17.86 21.16
C ARG C 324 18.55 18.26 22.61
N SER C 325 18.83 17.34 23.54
CA SER C 325 18.46 17.52 24.94
C SER C 325 19.16 18.68 25.62
N VAL C 326 20.29 19.12 25.06
CA VAL C 326 21.07 20.20 25.66
C VAL C 326 21.03 21.49 24.83
N TYR C 327 21.13 21.36 23.52
CA TYR C 327 21.43 22.49 22.65
C TYR C 327 20.22 23.09 21.91
N MET C 328 19.04 22.47 22.07
CA MET C 328 17.88 22.93 21.31
C MET C 328 16.81 23.62 22.13
N GLY C 329 16.30 24.71 21.59
CA GLY C 329 15.16 25.43 22.16
C GLY C 329 14.81 26.56 21.21
N ASP C 330 13.88 27.43 21.62
CA ASP C 330 13.57 28.65 20.86
C ASP C 330 14.78 29.59 20.82
N ALA C 331 15.38 29.70 19.64
CA ALA C 331 16.61 30.47 19.46
C ALA C 331 16.47 31.97 19.75
N ASP C 332 15.24 32.44 19.79
CA ASP C 332 14.92 33.83 20.16
C ASP C 332 15.21 34.11 21.64
N PHE C 333 15.29 33.04 22.44
CA PHE C 333 15.41 33.12 23.89
C PHE C 333 16.68 32.49 24.44
N VAL C 334 17.23 31.51 23.71
CA VAL C 334 18.46 30.85 24.13
C VAL C 334 19.42 30.73 22.95
N SER C 335 20.71 30.53 23.23
CA SER C 335 21.70 30.30 22.18
C SER C 335 21.56 28.89 21.63
N VAL C 336 21.38 28.78 20.32
CA VAL C 336 21.21 27.47 19.68
C VAL C 336 22.27 27.33 18.57
N PRO C 337 23.19 26.36 18.72
CA PRO C 337 24.30 26.27 17.76
C PRO C 337 23.90 25.55 16.47
N VAL C 338 22.93 26.12 15.75
CA VAL C 338 22.42 25.48 14.54
C VAL C 338 23.54 25.19 13.53
N ASP C 339 24.37 26.19 13.23
CA ASP C 339 25.37 26.03 12.18
C ASP C 339 26.39 24.94 12.54
N LYS C 340 26.69 24.82 13.83
CA LYS C 340 27.64 23.80 14.28
C LYS C 340 27.03 22.42 14.15
N LEU C 341 25.74 22.33 14.48
CA LEU C 341 25.04 21.06 14.45
C LEU C 341 24.87 20.51 13.03
N ILE C 342 24.79 21.40 12.05
CA ILE C 342 24.60 20.99 10.65
C ILE C 342 25.90 21.03 9.88
N ASN C 343 26.99 21.34 10.56
CA ASN C 343 28.30 21.36 9.92
C ASN C 343 28.74 19.93 9.58
N LYS C 344 29.10 19.70 8.32
CA LYS C 344 29.52 18.37 7.89
C LYS C 344 30.78 17.87 8.61
N ALA C 345 31.61 18.79 9.08
CA ALA C 345 32.81 18.40 9.84
C ALA C 345 32.43 17.80 11.21
N TYR C 346 31.38 18.32 11.82
CA TYR C 346 30.88 17.76 13.08
C TYR C 346 30.30 16.37 12.81
N ALA C 347 29.54 16.26 11.73
CA ALA C 347 28.95 14.99 11.32
C ALA C 347 30.03 13.94 11.06
N LYS C 348 31.15 14.38 10.48
CA LYS C 348 32.29 13.49 10.23
C LYS C 348 32.89 13.02 11.55
N LYS C 349 33.02 13.92 12.53
CA LYS C 349 33.47 13.49 13.86
C LYS C 349 32.51 12.46 14.45
N ILE C 350 31.21 12.67 14.28
CA ILE C 350 30.23 11.69 14.78
C ILE C 350 30.40 10.33 14.11
N PHE C 351 30.53 10.34 12.78
CA PHE C 351 30.71 9.12 12.00
C PHE C 351 31.96 8.36 12.48
N ASP C 352 33.05 9.10 12.72
CA ASP C 352 34.27 8.47 13.21
C ASP C 352 34.13 7.81 14.59
N THR C 353 33.22 8.30 15.42
CA THR C 353 33.00 7.71 16.75
C THR C 353 32.21 6.42 16.70
N ILE C 354 31.59 6.14 15.55
CA ILE C 354 30.74 4.95 15.40
C ILE C 354 31.63 3.72 15.25
N GLN C 355 31.60 2.88 16.28
CA GLN C 355 32.40 1.66 16.28
C GLN C 355 31.75 0.62 15.39
N PRO C 356 32.53 -0.01 14.51
CA PRO C 356 31.98 -1.04 13.63
C PRO C 356 31.35 -2.19 14.43
N ASP C 357 30.19 -2.67 13.96
CA ASP C 357 29.48 -3.82 14.54
C ASP C 357 29.18 -3.72 16.05
N THR C 358 29.17 -2.50 16.57
CA THR C 358 28.94 -2.37 18.00
C THR C 358 28.28 -1.01 18.32
N VAL C 359 27.30 -1.01 19.22
CA VAL C 359 26.66 0.24 19.62
C VAL C 359 27.45 0.94 20.73
N THR C 360 27.17 2.23 20.90
CA THR C 360 27.63 2.99 22.07
C THR C 360 26.37 3.22 22.89
N PRO C 361 26.23 2.55 24.05
CA PRO C 361 25.01 2.76 24.83
C PRO C 361 24.84 4.23 25.17
N SER C 362 23.59 4.63 25.22
CA SER C 362 23.24 6.02 25.50
C SER C 362 23.87 6.60 26.76
N SER C 363 24.08 5.75 27.77
CA SER C 363 24.74 6.18 29.01
C SER C 363 26.10 6.80 28.79
N GLN C 364 26.73 6.48 27.65
CA GLN C 364 28.11 6.88 27.37
C GLN C 364 28.18 8.07 26.42
N ILE C 365 27.03 8.46 25.87
CA ILE C 365 26.97 9.53 24.86
C ILE C 365 27.08 10.87 25.57
N LYS C 366 27.93 11.74 25.05
CA LYS C 366 28.07 13.11 25.57
C LYS C 366 27.45 14.08 24.57
N PRO C 367 26.37 14.78 24.97
CA PRO C 367 25.79 15.80 24.09
C PRO C 367 26.87 16.77 23.63
N GLY C 368 26.96 16.94 22.31
CA GLY C 368 27.93 17.83 21.68
C GLY C 368 29.28 17.19 21.39
N MET C 369 29.56 16.02 21.98
CA MET C 369 30.81 15.30 21.71
C MET C 369 32.07 16.13 21.96
N GLY C 370 32.01 17.05 22.91
CA GLY C 370 33.15 17.91 23.19
C GLY C 370 33.43 18.97 22.12
N GLN C 371 32.52 19.10 21.15
CA GLN C 371 32.68 20.03 20.01
C GLN C 371 31.84 21.30 20.13
N LEU C 372 30.84 21.30 21.01
CA LEU C 372 29.89 22.40 21.10
C LEU C 372 30.13 23.28 22.33
N HIS C 373 31.34 23.18 22.89
CA HIS C 373 31.74 24.02 24.01
C HIS C 373 32.23 25.36 23.48
N GLU C 374 31.57 26.44 23.90
CA GLU C 374 32.09 27.80 23.71
C GLU C 374 32.76 28.27 24.99
N GLY C 375 34.01 27.84 25.18
CA GLY C 375 34.71 28.04 26.44
C GLY C 375 34.02 27.25 27.55
N SER C 376 33.94 27.84 28.74
CA SER C 376 33.33 27.19 29.91
C SER C 376 31.82 27.46 30.03
N ASN C 377 31.24 28.07 29.00
CA ASN C 377 29.81 28.40 28.99
C ASN C 377 28.94 27.16 29.03
N ALA D 1 -0.18 16.05 15.71
CA ALA D 1 0.17 16.65 14.39
C ALA D 1 -0.34 15.88 13.20
N THR D 2 -0.36 16.60 12.08
CA THR D 2 -0.70 16.09 10.77
C THR D 2 0.13 16.90 9.78
N HIS D 3 0.55 16.22 8.72
CA HIS D 3 1.37 16.86 7.70
C HIS D 3 0.65 16.90 6.36
N TYR D 4 0.75 18.05 5.69
CA TYR D 4 0.30 18.10 4.33
C TYR D 4 1.31 18.80 3.43
N SER D 5 1.30 18.40 2.16
CA SER D 5 2.30 18.79 1.18
C SER D 5 1.61 19.32 -0.07
N VAL D 6 2.11 20.44 -0.60
CA VAL D 6 1.51 21.08 -1.77
C VAL D 6 2.60 21.52 -2.73
N ALA D 7 2.38 21.29 -4.02
CA ALA D 7 3.31 21.69 -5.06
C ALA D 7 2.47 22.15 -6.25
N ASP D 8 2.80 23.33 -6.80
CA ASP D 8 2.01 23.93 -7.89
C ASP D 8 2.77 23.99 -9.20
N ARG D 9 2.10 24.48 -10.24
CA ARG D 9 2.66 24.46 -11.58
C ARG D 9 3.73 25.53 -11.85
N TRP D 10 3.80 26.55 -11.01
CA TRP D 10 4.81 27.59 -11.19
C TRP D 10 6.14 27.20 -10.52
N GLY D 11 6.13 26.14 -9.72
CA GLY D 11 7.35 25.69 -9.08
C GLY D 11 7.40 26.02 -7.59
N ASN D 12 6.28 26.49 -7.04
CA ASN D 12 6.15 26.66 -5.59
C ASN D 12 5.88 25.32 -4.91
N ALA D 13 6.46 25.16 -3.73
CA ALA D 13 6.13 24.02 -2.89
C ALA D 13 5.94 24.51 -1.47
N VAL D 14 4.95 23.95 -0.77
CA VAL D 14 4.65 24.33 0.60
C VAL D 14 4.53 23.04 1.40
N SER D 15 5.33 22.97 2.45
CA SER D 15 5.34 21.80 3.32
C SER D 15 4.87 22.26 4.69
N VAL D 16 3.73 21.75 5.15
CA VAL D 16 3.16 22.18 6.42
C VAL D 16 2.91 21.03 7.40
N THR D 17 3.49 21.14 8.59
CA THR D 17 3.07 20.26 9.69
C THR D 17 2.48 21.14 10.78
N TYR D 18 1.29 20.75 11.27
CA TYR D 18 0.67 21.54 12.34
C TYR D 18 -0.08 20.62 13.27
N THR D 19 -0.39 21.09 14.46
CA THR D 19 -0.68 20.17 15.54
C THR D 19 -1.38 20.86 16.70
N ILE D 20 -2.12 20.07 17.47
CA ILE D 20 -2.52 20.46 18.83
C ILE D 20 -1.75 19.63 19.87
N ASN D 21 -0.69 18.97 19.39
CA ASN D 21 0.22 18.08 20.14
C ASN D 21 -0.37 16.67 20.28
N ALA D 22 -0.84 16.29 21.47
CA ALA D 22 -1.45 15.00 21.68
C ALA D 22 -2.68 14.83 20.80
N SER D 23 -3.15 13.59 20.69
CA SER D 23 -4.41 13.33 20.02
C SER D 23 -5.53 14.08 20.73
N TYR D 24 -6.19 14.98 20.01
CA TYR D 24 -7.18 15.89 20.58
C TYR D 24 -6.58 16.92 21.54
N GLY D 25 -5.26 17.13 21.45
CA GLY D 25 -4.59 18.17 22.23
C GLY D 25 -4.78 17.98 23.72
N SER D 26 -5.17 19.06 24.39
CA SER D 26 -5.37 19.09 25.84
C SER D 26 -6.68 18.43 26.24
N ALA D 27 -7.46 18.05 25.24
CA ALA D 27 -8.84 17.52 25.40
C ALA D 27 -9.89 18.52 25.87
N ALA D 28 -9.48 19.77 26.09
CA ALA D 28 -10.39 20.83 26.51
C ALA D 28 -10.70 21.72 25.32
N SER D 29 -11.97 22.04 25.14
CA SER D 29 -12.40 22.92 24.06
C SER D 29 -12.79 24.29 24.61
N ILE D 30 -12.64 25.33 23.79
CA ILE D 30 -13.15 26.65 24.17
C ILE D 30 -14.67 26.70 23.99
N ASP D 31 -15.38 26.75 25.11
CA ASP D 31 -16.84 26.81 25.08
C ASP D 31 -17.38 27.98 24.24
N GLY D 32 -18.33 27.66 23.36
CA GLY D 32 -18.90 28.66 22.46
C GLY D 32 -18.13 28.82 21.15
N ALA D 33 -16.93 28.27 21.10
CA ALA D 33 -16.07 28.41 19.92
C ALA D 33 -15.80 27.12 19.14
N GLY D 34 -16.03 25.98 19.78
CA GLY D 34 -16.05 24.68 19.07
C GLY D 34 -14.71 24.08 18.68
N PHE D 35 -13.60 24.62 19.18
CA PHE D 35 -12.28 24.06 18.84
C PHE D 35 -11.52 23.58 20.06
N LEU D 36 -10.74 22.51 19.88
CA LEU D 36 -9.89 21.98 20.94
C LEU D 36 -8.63 22.82 21.14
N LEU D 37 -8.26 22.99 22.40
CA LEU D 37 -6.96 23.57 22.77
C LEU D 37 -5.83 22.56 22.63
N ASN D 38 -4.70 23.07 22.17
CA ASN D 38 -3.43 22.33 22.16
C ASN D 38 -2.97 22.02 23.58
N ASN D 39 -2.18 20.94 23.72
CA ASN D 39 -1.33 20.79 24.91
C ASN D 39 0.15 20.95 24.56
N GLU D 40 0.45 22.01 23.81
CA GLU D 40 1.81 22.26 23.35
C GLU D 40 2.79 22.61 24.48
N MET D 41 2.27 23.01 25.65
CA MET D 41 3.14 23.29 26.78
C MET D 41 3.99 22.09 27.20
N ASP D 42 3.51 20.88 26.93
CA ASP D 42 4.28 19.69 27.27
C ASP D 42 5.49 19.48 26.37
N ASP D 43 5.60 20.26 25.30
CA ASP D 43 6.80 20.23 24.47
C ASP D 43 7.96 21.03 25.04
N PHE D 44 7.70 21.87 26.04
CA PHE D 44 8.78 22.39 26.87
C PHE D 44 9.35 21.29 27.76
N SER D 45 10.53 21.55 28.29
CA SER D 45 11.01 20.79 29.45
C SER D 45 10.44 21.45 30.69
N ILE D 46 9.58 20.74 31.40
CA ILE D 46 8.90 21.35 32.54
C ILE D 46 9.70 21.20 33.85
N LYS D 47 10.70 20.34 33.81
CA LYS D 47 11.63 20.11 34.91
C LYS D 47 12.85 19.44 34.30
N PRO D 48 14.07 19.84 34.71
CA PRO D 48 15.22 19.22 34.05
C PRO D 48 15.26 17.69 34.16
N GLY D 49 15.47 17.04 33.02
CA GLY D 49 15.58 15.57 32.94
C GLY D 49 14.25 14.83 32.96
N ASN D 50 13.15 15.55 33.11
CA ASN D 50 11.82 14.92 33.09
C ASN D 50 11.43 14.57 31.64
N PRO D 51 11.15 13.28 31.37
CA PRO D 51 10.71 12.89 30.02
C PRO D 51 9.27 13.33 29.74
N ASN D 52 9.03 13.87 28.56
CA ASN D 52 7.70 14.34 28.21
C ASN D 52 6.88 13.21 27.55
N LEU D 53 5.76 13.59 26.94
CA LEU D 53 4.88 12.62 26.26
C LEU D 53 5.63 11.71 25.28
N TYR D 54 6.70 12.20 24.67
CA TYR D 54 7.47 11.43 23.67
C TYR D 54 8.81 10.91 24.19
N GLY D 55 9.00 10.98 25.50
CA GLY D 55 10.26 10.55 26.10
C GLY D 55 11.42 11.49 25.87
N LEU D 56 11.11 12.72 25.47
CA LEU D 56 12.13 13.75 25.23
C LEU D 56 12.46 14.50 26.52
N VAL D 57 13.73 14.86 26.66
CA VAL D 57 14.19 15.53 27.87
C VAL D 57 14.91 16.82 27.54
N GLY D 58 15.13 17.63 28.55
CA GLY D 58 15.79 18.91 28.36
C GLY D 58 16.32 19.47 29.64
N GLY D 59 16.79 20.70 29.52
CA GLY D 59 17.27 21.47 30.66
C GLY D 59 16.94 22.94 30.48
N ASP D 60 17.97 23.76 30.37
CA ASP D 60 17.81 25.22 30.27
C ASP D 60 17.28 25.70 28.91
N ALA D 61 17.83 25.16 27.82
CA ALA D 61 17.52 25.67 26.48
C ALA D 61 16.01 25.60 26.19
N ASN D 62 15.38 24.49 26.56
CA ASN D 62 13.97 24.36 26.30
C ASN D 62 13.11 24.45 27.57
N ALA D 63 13.60 25.18 28.56
CA ALA D 63 12.79 25.48 29.71
C ALA D 63 11.71 26.52 29.34
N ILE D 64 10.62 26.52 30.09
CA ILE D 64 9.57 27.52 29.89
C ILE D 64 10.05 28.93 30.22
N GLU D 65 9.75 29.87 29.33
CA GLU D 65 9.77 31.30 29.63
C GLU D 65 8.53 31.90 28.96
N ALA D 66 7.97 32.96 29.56
CA ALA D 66 6.79 33.61 28.99
C ALA D 66 7.08 33.95 27.53
N ASN D 67 6.10 33.70 26.66
CA ASN D 67 6.18 34.09 25.23
C ASN D 67 7.11 33.28 24.32
N LYS D 68 7.94 32.43 24.93
CA LYS D 68 8.85 31.51 24.22
C LYS D 68 8.04 30.39 23.56
N ARG D 69 8.54 29.89 22.44
CA ARG D 69 7.87 28.80 21.72
C ARG D 69 8.48 27.48 22.16
N PRO D 70 7.64 26.51 22.55
CA PRO D 70 8.20 25.21 22.98
C PRO D 70 8.88 24.50 21.81
N LEU D 71 10.02 23.88 22.09
CA LEU D 71 10.73 23.12 21.06
C LEU D 71 9.86 22.07 20.38
N SER D 72 9.93 22.01 19.05
CA SER D 72 9.19 21.00 18.27
C SER D 72 10.15 20.00 17.63
N SER D 73 9.60 18.88 17.18
CA SER D 73 10.35 18.00 16.30
C SER D 73 9.78 18.03 14.89
N MET D 74 8.78 18.88 14.64
CA MET D 74 8.16 18.87 13.31
C MET D 74 9.16 19.21 12.21
N SER D 75 9.11 18.44 11.15
CA SER D 75 10.16 18.51 10.12
C SER D 75 9.58 18.67 8.72
N PRO D 76 8.72 19.69 8.50
CA PRO D 76 8.27 19.87 7.12
C PRO D 76 9.48 20.19 6.27
N THR D 77 9.61 19.46 5.17
CA THR D 77 10.83 19.49 4.40
C THR D 77 10.53 19.55 2.90
N ILE D 78 11.43 20.22 2.19
CA ILE D 78 11.45 20.27 0.75
C ILE D 78 12.85 19.84 0.29
N VAL D 79 12.90 18.87 -0.61
CA VAL D 79 14.19 18.49 -1.24
C VAL D 79 14.24 19.02 -2.67
N LEU D 80 15.35 19.67 -3.00
CA LEU D 80 15.59 20.16 -4.38
C LEU D 80 16.58 19.31 -5.13
N LYS D 81 16.35 19.16 -6.43
CA LYS D 81 17.31 18.50 -7.30
C LYS D 81 17.54 19.44 -8.46
N ASN D 82 18.79 19.86 -8.63
CA ASN D 82 19.17 20.86 -9.65
C ASN D 82 18.34 22.13 -9.47
N ASN D 83 18.07 22.49 -8.21
CA ASN D 83 17.33 23.72 -7.85
C ASN D 83 15.86 23.67 -8.26
N LYS D 84 15.36 22.47 -8.52
CA LYS D 84 13.96 22.26 -8.80
C LYS D 84 13.35 21.46 -7.66
N VAL D 85 12.07 21.69 -7.40
CA VAL D 85 11.38 20.88 -6.40
C VAL D 85 11.46 19.40 -6.80
N PHE D 86 11.91 18.58 -5.87
CA PHE D 86 12.03 17.14 -6.06
C PHE D 86 11.13 16.38 -5.08
N LEU D 87 11.30 16.65 -3.78
CA LEU D 87 10.39 16.09 -2.76
C LEU D 87 9.80 17.17 -1.88
N VAL D 88 8.55 16.93 -1.50
CA VAL D 88 7.88 17.68 -0.44
C VAL D 88 7.41 16.63 0.54
N VAL D 89 7.87 16.73 1.79
CA VAL D 89 7.72 15.60 2.71
C VAL D 89 7.66 16.06 4.17
N GLY D 90 6.92 15.30 4.97
CA GLY D 90 6.87 15.54 6.42
C GLY D 90 5.98 14.51 7.06
N SER D 91 5.85 14.60 8.38
CA SER D 91 5.09 13.59 9.13
C SER D 91 4.79 14.07 10.53
N PRO D 92 3.72 13.55 11.13
CA PRO D 92 3.58 13.64 12.57
C PRO D 92 4.33 12.50 13.25
N GLY D 93 4.26 12.47 14.57
CA GLY D 93 4.94 11.43 15.34
C GLY D 93 5.76 11.86 16.54
N GLY D 94 5.64 13.13 16.95
CA GLY D 94 6.42 13.63 18.10
C GLY D 94 7.90 13.41 17.85
N SER D 95 8.58 12.78 18.81
CA SER D 95 10.01 12.49 18.64
C SER D 95 10.35 11.66 17.40
N ARG D 96 9.38 10.90 16.88
CA ARG D 96 9.62 10.02 15.71
C ARG D 96 9.58 10.76 14.39
N ILE D 97 9.16 12.02 14.43
CA ILE D 97 9.03 12.77 13.18
C ILE D 97 10.37 12.80 12.44
N ILE D 98 11.43 13.20 13.16
CA ILE D 98 12.73 13.45 12.52
C ILE D 98 13.23 12.20 11.81
N THR D 99 13.13 11.07 12.48
CA THR D 99 13.64 9.81 11.93
C THR D 99 12.73 9.27 10.80
N THR D 100 11.41 9.48 10.93
CA THR D 100 10.49 9.09 9.86
C THR D 100 10.79 9.85 8.57
N VAL D 101 10.93 11.17 8.69
CA VAL D 101 11.18 11.98 7.51
C VAL D 101 12.51 11.66 6.87
N LEU D 102 13.54 11.49 7.69
CA LEU D 102 14.85 11.24 7.08
C LEU D 102 14.92 9.86 6.39
N GLN D 103 14.18 8.89 6.94
CA GLN D 103 14.13 7.58 6.32
C GLN D 103 13.46 7.64 4.93
N VAL D 104 12.37 8.40 4.81
CA VAL D 104 11.69 8.52 3.51
C VAL D 104 12.63 9.15 2.48
N ILE D 105 13.33 10.20 2.88
CA ILE D 105 14.30 10.87 2.03
C ILE D 105 15.45 9.93 1.63
N SER D 106 16.01 9.22 2.59
CA SER D 106 17.06 8.22 2.33
C SER D 106 16.57 7.14 1.37
N ASN D 107 15.35 6.66 1.57
CA ASN D 107 14.83 5.59 0.71
C ASN D 107 14.81 6.03 -0.75
N VAL D 108 14.43 7.28 -0.97
CA VAL D 108 14.50 7.83 -2.33
C VAL D 108 15.93 7.99 -2.83
N ILE D 109 16.76 8.69 -2.06
CA ILE D 109 18.08 9.09 -2.57
C ILE D 109 19.08 7.94 -2.55
N ASP D 110 19.13 7.21 -1.44
CA ASP D 110 20.06 6.07 -1.34
C ASP D 110 19.63 4.79 -2.06
N TYR D 111 18.33 4.49 -2.03
CA TYR D 111 17.86 3.19 -2.52
C TYR D 111 17.06 3.26 -3.81
N ASN D 112 16.84 4.47 -4.31
CA ASN D 112 16.09 4.65 -5.56
C ASN D 112 14.65 4.10 -5.51
N MET D 113 14.03 4.21 -4.33
CA MET D 113 12.62 3.92 -4.23
C MET D 113 11.83 5.05 -4.85
N ASN D 114 10.68 4.74 -5.47
CA ASN D 114 9.73 5.81 -5.82
C ASN D 114 9.05 6.30 -4.55
N ILE D 115 8.28 7.37 -4.62
CA ILE D 115 7.76 7.96 -3.38
C ILE D 115 6.81 7.01 -2.60
N SER D 116 6.03 6.23 -3.34
CA SER D 116 5.13 5.25 -2.73
C SER D 116 5.94 4.18 -1.98
N GLU D 117 6.98 3.66 -2.62
CA GLU D 117 7.84 2.65 -1.99
C GLU D 117 8.54 3.24 -0.76
N ALA D 118 9.02 4.47 -0.91
CA ALA D 118 9.75 5.17 0.16
C ALA D 118 8.88 5.41 1.39
N VAL D 119 7.60 5.71 1.16
CA VAL D 119 6.66 5.94 2.26
C VAL D 119 6.22 4.63 2.92
N SER D 120 6.01 3.60 2.11
N SER D 120 5.99 3.61 2.10
CA SER D 120 5.50 2.32 2.61
CA SER D 120 5.50 2.33 2.63
C SER D 120 6.54 1.44 3.31
C SER D 120 6.56 1.60 3.46
N ALA D 121 7.82 1.70 3.03
CA ALA D 121 8.93 0.92 3.62
C ALA D 121 8.92 0.98 5.15
N PRO D 122 9.11 -0.17 5.82
CA PRO D 122 9.18 -0.12 7.28
C PRO D 122 10.24 0.84 7.81
N ARG D 123 9.94 1.40 8.99
CA ARG D 123 10.75 2.42 9.66
C ARG D 123 11.30 1.89 10.99
N PHE D 124 12.50 2.34 11.32
CA PHE D 124 13.06 2.11 12.64
C PHE D 124 13.30 3.46 13.32
N HIS D 125 13.68 3.43 14.59
CA HIS D 125 13.76 4.67 15.36
C HIS D 125 14.68 4.51 16.55
N MET D 126 15.56 5.49 16.76
CA MET D 126 16.42 5.53 17.96
C MET D 126 16.40 6.98 18.41
N GLN D 127 16.06 7.25 19.68
CA GLN D 127 16.02 8.63 20.17
C GLN D 127 16.86 8.81 21.45
N TRP D 128 17.81 7.90 21.63
CA TRP D 128 18.83 7.99 22.69
C TRP D 128 18.28 7.61 24.05
N LEU D 129 17.31 8.37 24.55
CA LEU D 129 16.52 7.95 25.70
C LEU D 129 15.06 7.86 25.28
N PRO D 130 14.42 6.68 25.45
CA PRO D 130 14.98 5.42 25.96
C PRO D 130 15.99 4.81 24.98
N ASP D 131 16.92 4.04 25.54
CA ASP D 131 17.97 3.39 24.76
C ASP D 131 17.43 2.09 24.19
N GLU D 132 16.72 2.25 23.08
CA GLU D 132 16.10 1.10 22.40
C GLU D 132 16.05 1.38 20.92
N LEU D 133 16.08 0.32 20.13
CA LEU D 133 15.85 0.46 18.71
C LEU D 133 14.40 0.05 18.45
N ARG D 134 13.58 1.05 18.15
CA ARG D 134 12.16 0.86 17.92
C ARG D 134 11.91 0.48 16.47
N ILE D 135 11.14 -0.59 16.29
CA ILE D 135 10.80 -1.10 14.95
C ILE D 135 9.29 -1.32 14.82
N GLU D 136 8.86 -1.67 13.60
CA GLU D 136 7.44 -1.90 13.30
C GLU D 136 7.18 -3.39 13.08
N LYS D 137 5.95 -3.84 13.35
CA LYS D 137 5.53 -5.22 13.06
C LYS D 137 5.83 -5.59 11.59
N PHE D 138 6.40 -6.77 11.37
CA PHE D 138 6.80 -7.23 10.04
C PHE D 138 7.89 -6.36 9.39
N GLY D 139 8.49 -5.45 10.14
CA GLY D 139 9.39 -4.49 9.53
C GLY D 139 10.84 -4.92 9.38
N MET D 140 11.24 -5.89 10.20
CA MET D 140 12.63 -6.31 10.29
C MET D 140 12.66 -7.83 10.45
N PRO D 141 13.29 -8.55 9.50
CA PRO D 141 13.33 -9.99 9.63
C PRO D 141 14.35 -10.48 10.68
N ALA D 142 14.18 -11.72 11.11
CA ALA D 142 15.01 -12.35 12.15
C ALA D 142 16.49 -12.17 11.94
N ASP D 143 16.96 -12.35 10.70
CA ASP D 143 18.40 -12.27 10.41
C ASP D 143 18.97 -10.90 10.73
N VAL D 144 18.21 -9.86 10.39
CA VAL D 144 18.57 -8.48 10.64
C VAL D 144 18.48 -8.17 12.14
N LYS D 145 17.39 -8.61 12.77
CA LYS D 145 17.23 -8.42 14.22
C LYS D 145 18.38 -9.08 14.99
N ASP D 146 18.73 -10.31 14.60
CA ASP D 146 19.84 -11.05 15.23
C ASP D 146 21.16 -10.29 15.13
N ASN D 147 21.46 -9.79 13.94
CA ASN D 147 22.73 -9.09 13.75
C ASN D 147 22.77 -7.78 14.51
N LEU D 148 21.65 -7.07 14.55
CA LEU D 148 21.62 -5.82 15.32
C LEU D 148 21.67 -6.07 16.83
N THR D 149 21.01 -7.12 17.29
CA THR D 149 21.07 -7.47 18.71
C THR D 149 22.52 -7.81 19.10
N LYS D 150 23.24 -8.48 18.21
CA LYS D 150 24.64 -8.81 18.47
C LYS D 150 25.52 -7.55 18.58
N MET D 151 25.17 -6.50 17.85
CA MET D 151 25.83 -5.20 17.99
C MET D 151 25.57 -4.55 19.35
N GLY D 152 24.49 -4.97 20.01
CA GLY D 152 24.11 -4.41 21.32
C GLY D 152 22.80 -3.65 21.38
N TYR D 153 22.05 -3.60 20.29
CA TYR D 153 20.72 -2.98 20.33
C TYR D 153 19.71 -3.78 21.14
N GLN D 154 18.85 -3.07 21.86
CA GLN D 154 17.65 -3.69 22.45
C GLN D 154 16.49 -3.33 21.53
N ILE D 155 16.01 -4.31 20.78
CA ILE D 155 14.99 -4.07 19.78
C ILE D 155 13.61 -4.22 20.40
N VAL D 156 12.72 -3.27 20.12
CA VAL D 156 11.35 -3.35 20.61
C VAL D 156 10.41 -3.05 19.46
N THR D 157 9.36 -3.87 19.34
CA THR D 157 8.33 -3.66 18.31
C THR D 157 7.21 -2.88 18.95
N LYS D 158 6.89 -1.74 18.35
CA LYS D 158 5.86 -0.84 18.86
C LYS D 158 4.93 -0.47 17.69
N PRO D 159 3.82 0.24 17.97
CA PRO D 159 2.92 0.61 16.90
C PRO D 159 3.60 1.40 15.77
N VAL D 160 2.98 1.36 14.61
CA VAL D 160 3.58 2.00 13.43
C VAL D 160 3.82 3.50 13.67
N MET D 161 4.89 3.99 13.04
CA MET D 161 5.36 5.34 13.24
C MET D 161 5.05 6.23 12.06
N GLY D 162 4.32 7.30 12.32
CA GLY D 162 4.21 8.38 11.35
C GLY D 162 3.04 8.27 10.40
N ASP D 163 2.93 9.28 9.56
CA ASP D 163 1.82 9.42 8.63
C ASP D 163 2.29 10.39 7.59
N VAL D 164 3.07 9.88 6.64
CA VAL D 164 3.73 10.73 5.66
C VAL D 164 2.78 11.01 4.51
N ASN D 165 2.66 12.29 4.17
CA ASN D 165 2.03 12.70 2.93
C ASN D 165 3.08 13.42 2.12
N ALA D 166 3.46 12.82 1.00
CA ALA D 166 4.61 13.30 0.27
C ALA D 166 4.35 13.44 -1.22
N ILE D 167 5.11 14.35 -1.85
CA ILE D 167 5.04 14.57 -3.29
C ILE D 167 6.44 14.41 -3.86
N GLN D 168 6.54 13.73 -5.00
CA GLN D 168 7.78 13.66 -5.76
C GLN D 168 7.50 14.27 -7.12
N VAL D 169 8.31 15.24 -7.52
CA VAL D 169 8.16 15.97 -8.78
C VAL D 169 9.30 15.57 -9.69
N LEU D 170 8.94 15.15 -10.90
CA LEU D 170 9.93 14.69 -11.85
C LEU D 170 9.79 15.45 -13.15
N PRO D 171 10.93 15.78 -13.78
CA PRO D 171 10.87 16.48 -15.05
C PRO D 171 10.35 15.54 -16.13
N LYS D 172 9.45 16.06 -16.95
CA LYS D 172 8.97 15.39 -18.15
C LYS D 172 9.50 16.19 -19.32
N THR D 173 9.54 15.59 -20.51
CA THR D 173 10.11 16.23 -21.71
C THR D 173 9.65 17.69 -21.92
N LYS D 174 8.44 17.99 -21.46
CA LYS D 174 7.95 19.36 -21.32
C LYS D 174 7.10 19.41 -20.05
N GLY D 175 7.53 20.20 -19.06
CA GLY D 175 6.81 20.33 -17.80
C GLY D 175 7.11 19.24 -16.78
N SER D 176 6.32 19.22 -15.72
CA SER D 176 6.55 18.29 -14.61
C SER D 176 5.43 17.28 -14.43
N VAL D 177 5.80 16.11 -13.93
CA VAL D 177 4.84 15.13 -13.46
C VAL D 177 4.91 15.07 -11.92
N PHE D 178 3.79 15.29 -11.27
CA PHE D 178 3.70 15.33 -9.80
C PHE D 178 3.17 13.97 -9.32
N TYR D 179 3.94 13.29 -8.46
CA TYR D 179 3.52 12.02 -7.85
C TYR D 179 3.26 12.19 -6.36
N GLY D 180 2.23 11.53 -5.86
CA GLY D 180 1.89 11.69 -4.46
C GLY D 180 1.72 10.35 -3.77
N SER D 181 2.01 10.31 -2.48
CA SER D 181 1.67 9.15 -1.67
C SER D 181 1.17 9.59 -0.32
N THR D 182 0.11 8.95 0.12
CA THR D 182 -0.30 9.01 1.52
C THR D 182 0.34 7.81 2.21
N ASP D 183 0.05 7.61 3.49
CA ASP D 183 0.77 6.60 4.24
C ASP D 183 -0.13 5.38 4.52
N PRO D 184 0.34 4.17 4.16
CA PRO D 184 -0.50 2.99 4.40
C PRO D 184 -0.78 2.75 5.88
N ARG D 185 0.00 3.37 6.77
CA ARG D 185 -0.16 3.24 8.22
C ARG D 185 -1.43 3.92 8.72
N LYS D 186 -1.84 4.98 8.03
CA LYS D 186 -3.02 5.74 8.39
C LYS D 186 -4.25 4.96 7.95
#